data_5WNA
#
_entry.id   5WNA
#
_cell.length_a   64.620
_cell.length_b   135.010
_cell.length_c   73.780
_cell.angle_alpha   90.000
_cell.angle_beta   107.450
_cell.angle_gamma   90.000
#
_symmetry.space_group_name_H-M   'P 1 21 1'
#
loop_
_entity.id
_entity.type
_entity.pdbx_description
1 polymer 'mAb 3D3 Fab heavy chain'
2 polymer 'mAb 3D3 Fab light chain'
3 polymer 'Major surface glycoprotein G'
4 water water
#
loop_
_entity_poly.entity_id
_entity_poly.type
_entity_poly.pdbx_seq_one_letter_code
_entity_poly.pdbx_strand_id
1 'polypeptide(L)'
;EEQLVESGGGLVQPGRSLRLSCVGSGLRFEEHAMHWVRQAPGRGLEWVSGISWNSGSVGYADSVKGRFTTSRDNAKDILF
LEMNTLRSEDTALYFCAIMVATTKNDFHYYKDVWGKGTTVTVSSASTKGPSVFPLAPSSKSTSGGTAALGCLVKDYFPEP
VTVSWNSGALTSGVHTFPAVLQSSGLYSLSSVVTVPSSSLGTQTYICNVNHKPSNTKVDKKVEPKSCDKTH
;
H,C
2 'polypeptide(L)'
;QIVLTQSPATLSLSPGERATLSCRASQSVSNHLAWYQQKPGQAPRLLIYETSNRATGIPPRFSGSGSGTDFTLTISSLEP
EDFAVYYCQQRNNWYTFGQGTKLEIKRTVAAPSVFIFPPSDEQLKSGTASVVCLLNNFYPREAKVQWKVDNALQSGNSQE
SVTEQDSKDSTYSLSSTLTLSKADYEKHKVYACEVTHQGLSSPVTKSFNRGEC
;
L,D
3 'polypeptide(L)' MGNDFHFEVFNFVPCSICSNNPTCWAICKRIPNKKPGKKHHHHHH B,A
#
# COMPACT_ATOMS: atom_id res chain seq x y z
N GLU A 1 0.36 -15.33 -15.80
CA GLU A 1 -0.75 -14.40 -15.67
C GLU A 1 -2.08 -15.10 -15.46
N GLU A 2 -2.59 -15.11 -14.23
CA GLU A 2 -3.94 -15.58 -13.98
C GLU A 2 -4.89 -14.39 -14.04
N GLN A 3 -6.05 -14.59 -14.66
CA GLN A 3 -6.96 -13.48 -14.88
C GLN A 3 -8.39 -14.00 -14.98
N LEU A 4 -9.30 -13.27 -14.36
CA LEU A 4 -10.73 -13.44 -14.53
C LEU A 4 -11.27 -12.19 -15.20
N VAL A 5 -12.06 -12.37 -16.26
CA VAL A 5 -12.62 -11.24 -17.00
C VAL A 5 -14.12 -11.41 -17.10
N GLU A 6 -14.86 -10.46 -16.53
CA GLU A 6 -16.32 -10.46 -16.59
C GLU A 6 -16.81 -9.61 -17.75
N SER A 7 -17.98 -9.97 -18.27
CA SER A 7 -18.64 -9.21 -19.31
C SER A 7 -20.13 -9.55 -19.25
N GLY A 8 -20.91 -8.81 -20.03
CA GLY A 8 -22.34 -9.01 -20.07
C GLY A 8 -23.13 -8.06 -19.20
N GLY A 9 -22.45 -7.20 -18.43
CA GLY A 9 -23.15 -6.23 -17.64
C GLY A 9 -23.59 -5.03 -18.45
N GLY A 10 -24.51 -4.26 -17.87
CA GLY A 10 -24.98 -3.07 -18.56
C GLY A 10 -26.26 -2.58 -17.94
N LEU A 11 -26.95 -1.75 -18.72
CA LEU A 11 -28.20 -1.12 -18.30
C LEU A 11 -29.36 -2.02 -18.68
N VAL A 12 -30.22 -2.32 -17.72
CA VAL A 12 -31.35 -3.21 -17.95
C VAL A 12 -32.56 -2.70 -17.17
N GLN A 13 -33.74 -2.87 -17.75
CA GLN A 13 -34.98 -2.43 -17.14
C GLN A 13 -35.42 -3.39 -16.05
N PRO A 14 -36.12 -2.91 -15.03
CA PRO A 14 -36.60 -3.82 -13.97
C PRO A 14 -37.52 -4.89 -14.53
N GLY A 15 -37.40 -6.09 -13.97
CA GLY A 15 -38.15 -7.23 -14.44
C GLY A 15 -37.53 -7.95 -15.63
N ARG A 16 -36.54 -7.35 -16.29
CA ARG A 16 -35.96 -7.96 -17.48
C ARG A 16 -34.81 -8.86 -17.06
N SER A 17 -34.08 -9.38 -18.04
CA SER A 17 -33.11 -10.43 -17.82
C SER A 17 -31.72 -9.97 -18.23
N LEU A 18 -30.71 -10.61 -17.66
CA LEU A 18 -29.34 -10.36 -18.06
C LEU A 18 -28.55 -11.63 -17.85
N ARG A 19 -27.44 -11.75 -18.56
CA ARG A 19 -26.54 -12.87 -18.36
C ARG A 19 -25.07 -12.45 -18.32
N LEU A 20 -24.41 -12.65 -17.19
CA LEU A 20 -22.99 -12.36 -17.06
C LEU A 20 -22.17 -13.59 -17.41
N SER A 21 -21.00 -13.33 -18.01
CA SER A 21 -20.02 -14.37 -18.23
C SER A 21 -18.70 -13.97 -17.59
N CYS A 22 -17.88 -14.98 -17.30
CA CYS A 22 -16.56 -14.78 -16.72
C CYS A 22 -15.61 -15.78 -17.36
N VAL A 23 -14.63 -15.29 -18.09
CA VAL A 23 -13.69 -16.12 -18.82
C VAL A 23 -12.36 -16.14 -18.06
N GLY A 24 -11.82 -17.33 -17.85
CA GLY A 24 -10.55 -17.47 -17.17
C GLY A 24 -9.38 -17.49 -18.13
N SER A 25 -8.21 -17.15 -17.59
CA SER A 25 -7.02 -17.02 -18.40
C SER A 25 -5.81 -17.24 -17.51
N GLY A 26 -4.93 -18.16 -17.91
CA GLY A 26 -3.74 -18.44 -17.14
C GLY A 26 -3.92 -19.42 -16.00
N LEU A 27 -5.01 -20.17 -15.98
CA LEU A 27 -5.24 -21.11 -14.90
C LEU A 27 -6.03 -22.30 -15.43
N ARG A 28 -5.84 -23.45 -14.81
CA ARG A 28 -6.58 -24.67 -15.11
C ARG A 28 -8.00 -24.48 -14.61
N PHE A 29 -8.87 -24.01 -15.51
CA PHE A 29 -10.23 -23.61 -15.15
C PHE A 29 -11.00 -24.70 -14.40
N GLU A 30 -10.91 -25.95 -14.86
CA GLU A 30 -11.70 -27.03 -14.27
C GLU A 30 -11.34 -27.31 -12.81
N GLU A 31 -10.24 -26.76 -12.31
CA GLU A 31 -9.65 -27.16 -11.05
C GLU A 31 -10.17 -26.40 -9.83
N HIS A 32 -10.92 -25.33 -9.99
CA HIS A 32 -11.32 -24.52 -8.85
C HIS A 32 -12.82 -24.27 -8.82
N ALA A 33 -13.37 -24.22 -7.61
CA ALA A 33 -14.69 -23.64 -7.42
C ALA A 33 -14.66 -22.16 -7.73
N MET A 34 -15.77 -21.66 -8.28
CA MET A 34 -15.88 -20.26 -8.65
C MET A 34 -17.06 -19.61 -7.94
N HIS A 35 -16.99 -18.29 -7.82
CA HIS A 35 -18.02 -17.53 -7.11
C HIS A 35 -18.33 -16.23 -7.82
N TRP A 36 -19.56 -15.76 -7.62
CA TRP A 36 -20.00 -14.43 -7.99
C TRP A 36 -20.17 -13.63 -6.70
N VAL A 37 -19.49 -12.50 -6.62
CA VAL A 37 -19.58 -11.58 -5.49
C VAL A 37 -19.91 -10.21 -6.05
N ARG A 38 -20.87 -9.52 -5.45
CA ARG A 38 -21.29 -8.24 -5.97
C ARG A 38 -21.12 -7.16 -4.91
N GLN A 39 -21.04 -5.92 -5.38
CA GLN A 39 -20.98 -4.78 -4.48
C GLN A 39 -21.75 -3.59 -5.03
N ALA A 40 -22.75 -3.14 -4.29
CA ALA A 40 -23.54 -1.97 -4.65
C ALA A 40 -22.75 -0.71 -4.31
N PRO A 41 -23.04 0.41 -4.99
CA PRO A 41 -22.26 1.63 -4.77
C PRO A 41 -22.29 2.05 -3.31
N GLY A 42 -21.10 2.27 -2.75
CA GLY A 42 -20.98 2.65 -1.36
C GLY A 42 -21.44 1.62 -0.34
N ARG A 43 -21.49 0.35 -0.71
CA ARG A 43 -21.91 -0.71 0.20
C ARG A 43 -20.86 -1.81 0.24
N GLY A 44 -21.09 -2.81 1.09
CA GLY A 44 -20.10 -3.85 1.31
C GLY A 44 -20.20 -4.97 0.29
N LEU A 45 -19.35 -5.98 0.48
CA LEU A 45 -19.33 -7.13 -0.41
C LEU A 45 -20.43 -8.10 -0.02
N GLU A 46 -21.06 -8.70 -1.02
CA GLU A 46 -22.04 -9.74 -0.77
C GLU A 46 -21.78 -10.90 -1.70
N TRP A 47 -21.57 -12.07 -1.12
CA TRP A 47 -21.50 -13.30 -1.89
C TRP A 47 -22.85 -13.54 -2.55
N VAL A 48 -22.82 -13.82 -3.85
CA VAL A 48 -24.03 -14.04 -4.63
C VAL A 48 -24.25 -15.52 -4.90
N SER A 49 -23.21 -16.21 -5.36
CA SER A 49 -23.34 -17.58 -5.83
C SER A 49 -21.99 -18.26 -5.82
N GLY A 50 -22.01 -19.56 -5.63
CA GLY A 50 -20.81 -20.37 -5.74
C GLY A 50 -21.12 -21.70 -6.40
N ILE A 51 -20.15 -22.19 -7.16
CA ILE A 51 -20.32 -23.45 -7.90
C ILE A 51 -19.01 -24.23 -7.86
N SER A 52 -19.11 -25.52 -7.58
CA SER A 52 -17.92 -26.35 -7.44
C SER A 52 -17.28 -26.62 -8.81
N TRP A 53 -16.10 -27.24 -8.76
CA TRP A 53 -15.27 -27.39 -9.96
C TRP A 53 -16.02 -28.13 -11.07
N ASN A 54 -16.82 -29.13 -10.71
CA ASN A 54 -17.54 -29.93 -11.69
C ASN A 54 -19.04 -29.65 -11.66
N SER A 55 -19.45 -28.48 -11.15
CA SER A 55 -20.85 -28.08 -11.04
C SER A 55 -21.68 -29.06 -10.22
N GLY A 56 -21.04 -29.90 -9.40
CA GLY A 56 -21.77 -30.83 -8.56
C GLY A 56 -22.49 -30.16 -7.40
N SER A 57 -22.14 -28.93 -7.07
CA SER A 57 -22.72 -28.24 -5.93
C SER A 57 -22.83 -26.76 -6.25
N VAL A 58 -24.05 -26.22 -6.17
CA VAL A 58 -24.32 -24.82 -6.45
C VAL A 58 -25.06 -24.21 -5.25
N GLY A 59 -24.75 -22.97 -4.94
CA GLY A 59 -25.40 -22.28 -3.84
C GLY A 59 -25.68 -20.83 -4.21
N TYR A 60 -26.70 -20.27 -3.57
CA TYR A 60 -27.12 -18.90 -3.84
C TYR A 60 -27.45 -18.19 -2.53
N ALA A 61 -27.13 -16.90 -2.48
CA ALA A 61 -27.56 -16.07 -1.37
C ALA A 61 -29.08 -15.97 -1.35
N ASP A 62 -29.64 -15.78 -0.15
CA ASP A 62 -31.10 -15.69 -0.03
C ASP A 62 -31.67 -14.57 -0.87
N SER A 63 -30.93 -13.48 -1.06
CA SER A 63 -31.45 -12.32 -1.78
C SER A 63 -31.59 -12.57 -3.28
N VAL A 64 -31.03 -13.65 -3.81
CA VAL A 64 -31.11 -13.95 -5.24
C VAL A 64 -31.70 -15.32 -5.52
N LYS A 65 -32.09 -16.07 -4.49
CA LYS A 65 -32.66 -17.40 -4.71
C LYS A 65 -33.94 -17.31 -5.51
N GLY A 66 -34.14 -18.30 -6.39
CA GLY A 66 -35.28 -18.33 -7.26
C GLY A 66 -35.20 -17.42 -8.46
N ARG A 67 -34.14 -16.62 -8.57
CA ARG A 67 -34.01 -15.68 -9.69
C ARG A 67 -32.71 -15.83 -10.46
N PHE A 68 -31.60 -16.13 -9.79
CA PHE A 68 -30.32 -16.29 -10.46
C PHE A 68 -30.02 -17.77 -10.71
N THR A 69 -29.20 -18.03 -11.73
CA THR A 69 -28.79 -19.39 -12.05
C THR A 69 -27.32 -19.35 -12.45
N THR A 70 -26.50 -20.11 -11.73
CA THR A 70 -25.06 -20.15 -11.94
C THR A 70 -24.70 -21.45 -12.62
N SER A 71 -23.92 -21.36 -13.69
CA SER A 71 -23.44 -22.51 -14.44
C SER A 71 -22.04 -22.23 -14.92
N ARG A 72 -21.38 -23.26 -15.41
CA ARG A 72 -20.03 -23.14 -15.94
C ARG A 72 -19.84 -24.18 -17.03
N ASP A 73 -18.95 -23.88 -17.98
CA ASP A 73 -18.60 -24.82 -19.04
C ASP A 73 -17.08 -24.89 -19.09
N ASN A 74 -16.52 -25.86 -18.41
CA ASN A 74 -15.09 -26.04 -18.29
C ASN A 74 -14.34 -26.21 -19.58
N ALA A 75 -15.01 -26.66 -20.62
CA ALA A 75 -14.35 -26.84 -21.92
C ALA A 75 -14.09 -25.52 -22.63
N LYS A 76 -14.61 -24.41 -22.11
CA LYS A 76 -14.37 -23.08 -22.69
C LYS A 76 -13.94 -22.07 -21.65
N ASP A 77 -13.53 -22.53 -20.47
CA ASP A 77 -13.01 -21.67 -19.41
C ASP A 77 -13.97 -20.51 -19.11
N ILE A 78 -15.26 -20.82 -18.97
CA ILE A 78 -16.26 -19.77 -18.81
C ILE A 78 -17.25 -20.13 -17.72
N LEU A 79 -17.60 -19.13 -16.92
CA LEU A 79 -18.59 -19.20 -15.85
C LEU A 79 -19.71 -18.23 -16.17
N PHE A 80 -20.95 -18.62 -15.85
CA PHE A 80 -22.13 -17.82 -16.18
C PHE A 80 -22.93 -17.47 -14.93
N LEU A 81 -23.57 -16.30 -14.97
CA LEU A 81 -24.60 -15.93 -14.01
C LEU A 81 -25.78 -15.38 -14.79
N GLU A 82 -26.86 -16.14 -14.82
CA GLU A 82 -28.08 -15.71 -15.48
C GLU A 82 -29.04 -15.12 -14.46
N MET A 83 -29.46 -13.89 -14.69
CA MET A 83 -30.25 -13.16 -13.71
C MET A 83 -31.59 -12.82 -14.34
N ASN A 84 -32.66 -13.29 -13.72
CA ASN A 84 -34.01 -13.06 -14.19
C ASN A 84 -34.77 -12.18 -13.23
N THR A 85 -35.79 -11.51 -13.76
CA THR A 85 -36.66 -10.61 -13.00
C THR A 85 -35.83 -9.70 -12.09
N LEU A 86 -34.92 -8.98 -12.72
CA LEU A 86 -33.98 -8.14 -12.00
C LEU A 86 -34.70 -6.96 -11.35
N ARG A 87 -34.17 -6.52 -10.20
CA ARG A 87 -34.71 -5.38 -9.48
C ARG A 87 -33.63 -4.32 -9.34
N SER A 88 -34.09 -3.09 -9.07
CA SER A 88 -33.17 -1.99 -8.84
C SER A 88 -32.14 -2.34 -7.78
N GLU A 89 -32.53 -3.12 -6.77
CA GLU A 89 -31.58 -3.47 -5.72
C GLU A 89 -30.50 -4.45 -6.18
N ASP A 90 -30.60 -5.00 -7.39
CA ASP A 90 -29.47 -5.76 -7.91
C ASP A 90 -28.48 -4.89 -8.68
N THR A 91 -28.72 -3.58 -8.74
CA THR A 91 -27.71 -2.63 -9.19
C THR A 91 -26.44 -2.80 -8.37
N ALA A 92 -25.38 -3.26 -9.01
CA ALA A 92 -24.11 -3.49 -8.34
C ALA A 92 -23.05 -3.73 -9.39
N LEU A 93 -21.80 -3.71 -8.94
CA LEU A 93 -20.69 -4.22 -9.72
C LEU A 93 -20.53 -5.68 -9.34
N TYR A 94 -20.31 -6.54 -10.34
CA TYR A 94 -20.38 -7.99 -10.13
C TYR A 94 -18.99 -8.57 -10.35
N PHE A 95 -18.42 -9.16 -9.30
CA PHE A 95 -17.09 -9.74 -9.33
C PHE A 95 -17.17 -11.24 -9.60
N CYS A 96 -16.24 -11.71 -10.41
CA CYS A 96 -15.96 -13.13 -10.58
C CYS A 96 -14.76 -13.46 -9.70
N ALA A 97 -14.84 -14.52 -8.91
CA ALA A 97 -13.77 -14.78 -7.97
C ALA A 97 -13.57 -16.27 -7.74
N ILE A 98 -12.31 -16.64 -7.54
CA ILE A 98 -11.91 -17.93 -7.00
C ILE A 98 -11.41 -17.68 -5.60
N MET A 99 -12.01 -18.39 -4.63
CA MET A 99 -11.66 -18.22 -3.23
C MET A 99 -11.50 -19.57 -2.52
N VAL A 100 -10.39 -20.24 -2.80
CA VAL A 100 -10.09 -21.54 -2.20
C VAL A 100 -9.01 -21.34 -1.15
N ALA A 101 -9.18 -21.99 0.01
CA ALA A 101 -8.15 -21.97 1.04
C ALA A 101 -8.35 -23.18 1.94
N THR A 102 -7.25 -23.88 2.23
CA THR A 102 -7.29 -25.02 3.12
C THR A 102 -5.94 -25.18 3.81
N THR A 103 -5.98 -25.46 5.10
CA THR A 103 -4.78 -25.82 5.83
C THR A 103 -4.81 -27.26 6.26
N LYS A 104 -5.60 -28.07 5.58
CA LYS A 104 -5.73 -29.47 5.98
C LYS A 104 -4.87 -30.42 5.15
N ASN A 105 -3.93 -31.10 5.79
CA ASN A 105 -3.41 -30.69 7.07
C ASN A 105 -1.90 -30.65 7.07
N ASP A 106 -1.35 -29.57 7.60
CA ASP A 106 0.10 -29.40 7.63
C ASP A 106 0.59 -28.90 6.29
N PHE A 107 -0.34 -28.72 5.36
CA PHE A 107 -0.01 -28.18 4.05
C PHE A 107 -0.89 -26.95 3.85
N HIS A 108 -0.27 -25.85 3.44
CA HIS A 108 -1.05 -24.63 3.26
C HIS A 108 -1.23 -24.35 1.78
N TYR A 109 -2.49 -24.29 1.36
CA TYR A 109 -2.82 -23.97 -0.01
C TYR A 109 -3.94 -22.94 -0.05
N TYR A 110 -3.81 -21.97 -0.93
CA TYR A 110 -4.90 -21.04 -1.14
C TYR A 110 -4.86 -20.52 -2.57
N LYS A 111 -6.01 -20.09 -3.05
CA LYS A 111 -6.17 -19.44 -4.35
C LYS A 111 -7.18 -18.32 -4.19
N ASP A 112 -6.74 -17.08 -4.45
CA ASP A 112 -7.62 -15.93 -4.35
C ASP A 112 -7.42 -15.06 -5.59
N VAL A 113 -8.38 -15.14 -6.51
CA VAL A 113 -8.31 -14.47 -7.81
C VAL A 113 -9.62 -13.76 -8.06
N TRP A 114 -9.56 -12.46 -8.36
CA TRP A 114 -10.74 -11.67 -8.65
C TRP A 114 -10.61 -10.99 -10.00
N GLY A 115 -11.74 -10.89 -10.72
CA GLY A 115 -11.80 -10.01 -11.86
C GLY A 115 -11.98 -8.57 -11.43
N LYS A 116 -11.89 -7.66 -12.40
CA LYS A 116 -12.15 -6.27 -12.13
C LYS A 116 -13.63 -5.95 -12.04
N GLY A 117 -14.50 -6.89 -12.41
CA GLY A 117 -15.91 -6.73 -12.23
C GLY A 117 -16.61 -6.21 -13.47
N THR A 118 -17.90 -6.50 -13.58
CA THR A 118 -18.76 -5.91 -14.58
C THR A 118 -19.94 -5.24 -13.88
N THR A 119 -20.37 -4.09 -14.40
CA THR A 119 -21.37 -3.28 -13.73
C THR A 119 -22.75 -3.60 -14.27
N VAL A 120 -23.70 -3.83 -13.37
CA VAL A 120 -25.09 -4.08 -13.72
C VAL A 120 -25.94 -2.96 -13.13
N THR A 121 -26.70 -2.28 -13.97
CA THR A 121 -27.56 -1.16 -13.55
C THR A 121 -29.00 -1.48 -13.94
N VAL A 122 -29.87 -1.60 -12.95
CA VAL A 122 -31.27 -1.95 -13.17
C VAL A 122 -32.10 -0.70 -12.93
N SER A 123 -32.69 -0.15 -13.98
CA SER A 123 -33.42 1.11 -13.83
C SER A 123 -34.35 1.36 -15.01
N SER A 124 -35.41 2.12 -14.74
CA SER A 124 -36.35 2.60 -15.75
C SER A 124 -35.82 3.80 -16.52
N ALA A 125 -34.76 4.43 -16.05
CA ALA A 125 -34.30 5.70 -16.61
C ALA A 125 -33.67 5.50 -17.98
N SER A 126 -33.77 6.54 -18.81
CA SER A 126 -33.21 6.54 -20.15
C SER A 126 -31.81 7.11 -20.13
N THR A 127 -30.93 6.56 -20.96
CA THR A 127 -29.59 7.13 -21.13
C THR A 127 -29.71 8.59 -21.50
N LYS A 128 -28.92 9.44 -20.86
CA LYS A 128 -29.05 10.87 -21.10
C LYS A 128 -27.78 11.57 -20.66
N GLY A 129 -27.31 12.50 -21.48
CA GLY A 129 -26.11 13.25 -21.23
C GLY A 129 -26.28 14.31 -20.16
N PRO A 130 -25.18 14.71 -19.54
CA PRO A 130 -25.25 15.73 -18.50
C PRO A 130 -25.46 17.13 -19.06
N SER A 131 -26.08 17.99 -18.26
CA SER A 131 -25.92 19.42 -18.39
C SER A 131 -24.84 19.87 -17.42
N VAL A 132 -23.96 20.75 -17.88
CA VAL A 132 -22.81 21.20 -17.09
C VAL A 132 -23.01 22.67 -16.79
N PHE A 133 -23.21 22.99 -15.50
CA PHE A 133 -23.49 24.34 -15.08
C PHE A 133 -22.34 24.90 -14.24
N PRO A 134 -22.01 26.19 -14.43
CA PRO A 134 -20.91 26.79 -13.65
C PRO A 134 -21.27 26.92 -12.18
N LEU A 135 -20.28 26.68 -11.32
CA LEU A 135 -20.32 27.16 -9.95
C LEU A 135 -19.29 28.27 -9.87
N ALA A 136 -19.76 29.50 -10.03
CA ALA A 136 -18.88 30.62 -10.28
C ALA A 136 -18.23 31.11 -8.99
N PRO A 137 -16.99 31.59 -9.07
CA PRO A 137 -16.35 32.21 -7.91
C PRO A 137 -16.93 33.58 -7.60
N SER A 138 -17.20 33.82 -6.32
CA SER A 138 -17.72 35.11 -5.87
C SER A 138 -17.00 35.50 -4.57
N SER A 139 -17.52 36.54 -3.90
CA SER A 139 -17.02 36.91 -2.59
C SER A 139 -17.49 35.92 -1.53
N LYS A 140 -18.70 35.38 -1.68
CA LYS A 140 -19.19 34.30 -0.83
C LYS A 140 -18.57 32.95 -1.19
N SER A 141 -17.61 32.94 -2.12
CA SER A 141 -16.80 31.76 -2.41
C SER A 141 -15.31 32.04 -2.24
N THR A 142 -14.96 33.20 -1.68
CA THR A 142 -13.60 33.50 -1.25
C THR A 142 -13.46 33.29 0.26
N SER A 143 -12.27 32.85 0.68
CA SER A 143 -11.98 32.69 2.11
C SER A 143 -10.48 32.88 2.30
N GLY A 144 -10.08 34.06 2.76
CA GLY A 144 -8.69 34.36 3.06
C GLY A 144 -7.72 34.18 1.92
N GLY A 145 -7.94 34.90 0.82
CA GLY A 145 -7.10 34.76 -0.35
C GLY A 145 -7.34 33.53 -1.19
N THR A 146 -8.30 32.69 -0.80
CA THR A 146 -8.62 31.47 -1.53
C THR A 146 -10.04 31.57 -2.08
N ALA A 147 -10.21 31.22 -3.34
CA ALA A 147 -11.52 31.21 -3.97
C ALA A 147 -11.87 29.78 -4.37
N ALA A 148 -13.16 29.50 -4.38
CA ALA A 148 -13.67 28.21 -4.83
C ALA A 148 -14.52 28.40 -6.08
N LEU A 149 -14.43 27.44 -6.99
CA LEU A 149 -15.23 27.43 -8.20
C LEU A 149 -15.39 25.97 -8.61
N GLY A 150 -16.31 25.73 -9.54
CA GLY A 150 -16.51 24.36 -9.96
C GLY A 150 -17.56 24.25 -11.05
N CYS A 151 -17.95 23.00 -11.30
CA CYS A 151 -18.96 22.65 -12.29
C CYS A 151 -20.00 21.77 -11.65
N LEU A 152 -21.25 21.94 -12.06
CA LEU A 152 -22.33 21.09 -11.61
C LEU A 152 -22.77 20.23 -12.79
N VAL A 153 -22.55 18.94 -12.67
CA VAL A 153 -22.83 17.97 -13.74
C VAL A 153 -24.15 17.31 -13.37
N LYS A 154 -25.25 17.84 -13.92
CA LYS A 154 -26.58 17.53 -13.44
C LYS A 154 -27.37 16.71 -14.47
N ASP A 155 -28.14 15.75 -13.97
CA ASP A 155 -29.17 15.04 -14.74
C ASP A 155 -28.57 14.22 -15.87
N TYR A 156 -27.73 13.27 -15.51
CA TYR A 156 -27.20 12.30 -16.46
C TYR A 156 -27.55 10.89 -16.00
N PHE A 157 -27.43 9.95 -16.92
CA PHE A 157 -27.68 8.53 -16.65
C PHE A 157 -27.18 7.67 -17.81
N PRO A 158 -26.58 6.52 -17.48
CA PRO A 158 -26.23 6.10 -16.12
C PRO A 158 -24.84 6.55 -15.72
N GLU A 159 -24.32 6.02 -14.63
CA GLU A 159 -22.94 6.29 -14.25
C GLU A 159 -22.05 5.53 -15.23
N PRO A 160 -20.77 5.94 -15.38
CA PRO A 160 -20.02 7.02 -14.73
C PRO A 160 -19.89 8.28 -15.59
N VAL A 161 -19.53 9.39 -14.94
CA VAL A 161 -18.92 10.54 -15.61
C VAL A 161 -17.52 10.71 -15.05
N THR A 162 -16.62 11.27 -15.87
CA THR A 162 -15.29 11.64 -15.45
C THR A 162 -15.12 13.15 -15.63
N VAL A 163 -14.41 13.78 -14.70
CA VAL A 163 -14.21 15.22 -14.72
C VAL A 163 -12.73 15.52 -14.54
N SER A 164 -12.16 16.31 -15.43
CA SER A 164 -10.82 16.87 -15.31
C SER A 164 -10.92 18.39 -15.36
N TRP A 165 -9.83 19.06 -15.01
CA TRP A 165 -9.75 20.51 -15.08
C TRP A 165 -8.58 20.92 -15.95
N ASN A 166 -8.86 21.75 -16.95
CA ASN A 166 -7.86 22.19 -17.91
C ASN A 166 -7.12 21.00 -18.52
N SER A 167 -7.89 20.01 -18.94
CA SER A 167 -7.37 18.79 -19.57
C SER A 167 -6.32 18.12 -18.69
N GLY A 168 -6.56 18.14 -17.37
CA GLY A 168 -5.68 17.48 -16.45
C GLY A 168 -4.49 18.28 -15.98
N ALA A 169 -4.30 19.49 -16.51
CA ALA A 169 -3.19 20.34 -16.08
C ALA A 169 -3.43 20.97 -14.72
N LEU A 170 -4.63 20.89 -14.18
CA LEU A 170 -4.96 21.43 -12.87
C LEU A 170 -5.53 20.30 -12.03
N THR A 171 -4.78 19.88 -11.02
CA THR A 171 -5.15 18.72 -10.21
C THR A 171 -5.10 19.08 -8.72
N SER A 172 -4.27 20.05 -8.36
CA SER A 172 -4.15 20.44 -6.97
C SER A 172 -5.39 21.21 -6.53
N GLY A 173 -5.94 20.83 -5.38
CA GLY A 173 -7.13 21.48 -4.86
C GLY A 173 -8.43 21.03 -5.48
N VAL A 174 -8.41 20.02 -6.33
CA VAL A 174 -9.61 19.52 -7.00
C VAL A 174 -10.30 18.49 -6.12
N HIS A 175 -11.62 18.64 -5.96
CA HIS A 175 -12.47 17.62 -5.36
C HIS A 175 -13.61 17.30 -6.32
N THR A 176 -13.63 16.08 -6.84
CA THR A 176 -14.76 15.59 -7.62
C THR A 176 -15.55 14.62 -6.75
N PHE A 177 -16.77 14.94 -6.50
CA PHE A 177 -17.63 14.32 -5.50
C PHE A 177 -18.39 13.13 -6.06
N PRO A 178 -18.65 12.14 -5.20
CA PRO A 178 -19.60 11.07 -5.57
C PRO A 178 -20.93 11.64 -6.05
N ALA A 179 -21.42 11.12 -7.17
CA ALA A 179 -22.74 11.52 -7.64
C ALA A 179 -23.81 11.11 -6.63
N VAL A 180 -24.89 11.89 -6.61
CA VAL A 180 -26.09 11.52 -5.89
C VAL A 180 -27.13 11.09 -6.90
N LEU A 181 -28.02 10.19 -6.48
CA LEU A 181 -29.09 9.71 -7.35
C LEU A 181 -30.39 10.38 -6.90
N GLN A 182 -30.93 11.21 -7.76
CA GLN A 182 -32.11 11.98 -7.49
C GLN A 182 -33.42 11.20 -7.62
N SER A 183 -34.52 11.83 -7.25
CA SER A 183 -35.82 11.20 -7.29
C SER A 183 -36.13 10.82 -8.71
N SER A 184 -35.74 11.67 -9.64
CA SER A 184 -36.02 11.47 -11.06
C SER A 184 -35.34 10.24 -11.64
N GLY A 185 -34.43 9.61 -10.90
CA GLY A 185 -33.63 8.52 -11.43
C GLY A 185 -32.35 8.92 -12.12
N LEU A 186 -32.10 10.22 -12.24
CA LEU A 186 -30.87 10.72 -12.85
C LEU A 186 -29.86 11.10 -11.79
N TYR A 187 -28.59 11.13 -12.20
CA TYR A 187 -27.48 11.45 -11.31
C TYR A 187 -26.99 12.89 -11.43
N SER A 188 -26.61 13.45 -10.28
CA SER A 188 -26.09 14.80 -10.22
C SER A 188 -24.74 14.75 -9.50
N LEU A 189 -23.73 15.39 -10.08
CA LEU A 189 -22.39 15.39 -9.49
C LEU A 189 -21.73 16.77 -9.49
N SER A 190 -20.87 17.01 -8.52
CA SER A 190 -20.16 18.29 -8.40
C SER A 190 -18.65 18.13 -8.39
N SER A 191 -17.96 19.01 -9.10
CA SER A 191 -16.50 18.98 -9.07
C SER A 191 -16.02 20.41 -8.85
N VAL A 192 -15.27 20.63 -7.77
CA VAL A 192 -14.85 21.95 -7.37
C VAL A 192 -13.34 22.00 -7.26
N VAL A 193 -12.80 23.21 -7.29
CA VAL A 193 -11.37 23.42 -7.10
C VAL A 193 -11.18 24.76 -6.39
N THR A 194 -10.27 24.76 -5.42
CA THR A 194 -9.91 25.97 -4.71
C THR A 194 -8.65 26.55 -5.36
N VAL A 195 -8.71 27.84 -5.69
CA VAL A 195 -7.64 28.51 -6.42
C VAL A 195 -7.32 29.81 -5.69
N PRO A 196 -6.13 30.38 -5.92
CA PRO A 196 -5.86 31.72 -5.39
C PRO A 196 -6.82 32.73 -5.98
N SER A 197 -7.46 33.52 -5.11
CA SER A 197 -8.37 34.55 -5.59
C SER A 197 -7.65 35.56 -6.49
N SER A 198 -6.32 35.70 -6.32
CA SER A 198 -5.54 36.54 -7.22
C SER A 198 -5.69 36.10 -8.68
N SER A 199 -5.83 34.80 -8.90
CA SER A 199 -5.85 34.23 -10.24
C SER A 199 -7.16 34.43 -10.98
N LEU A 200 -8.24 34.86 -10.31
CA LEU A 200 -9.57 34.70 -10.86
C LEU A 200 -9.77 35.48 -12.16
N GLY A 201 -9.02 36.57 -12.35
CA GLY A 201 -9.16 37.38 -13.54
C GLY A 201 -8.11 37.17 -14.60
N THR A 202 -7.11 36.33 -14.35
CA THR A 202 -6.03 36.10 -15.29
C THR A 202 -5.91 34.65 -15.75
N GLN A 203 -6.43 33.70 -15.00
CA GLN A 203 -6.30 32.28 -15.30
C GLN A 203 -7.63 31.74 -15.82
N THR A 204 -7.54 30.87 -16.82
CA THR A 204 -8.71 30.19 -17.35
C THR A 204 -8.94 28.88 -16.60
N TYR A 205 -10.19 28.59 -16.26
CA TYR A 205 -10.55 27.32 -15.63
C TYR A 205 -11.67 26.66 -16.42
N ILE A 206 -11.37 25.51 -17.00
CA ILE A 206 -12.31 24.75 -17.81
C ILE A 206 -12.41 23.36 -17.21
N CYS A 207 -13.63 22.94 -16.86
CA CYS A 207 -13.85 21.56 -16.46
C CYS A 207 -14.22 20.75 -17.70
N ASN A 208 -13.61 19.57 -17.82
CA ASN A 208 -13.82 18.68 -18.95
C ASN A 208 -14.68 17.51 -18.44
N VAL A 209 -15.93 17.49 -18.89
CA VAL A 209 -16.87 16.44 -18.49
C VAL A 209 -16.94 15.44 -19.63
N ASN A 210 -16.84 14.16 -19.30
CA ASN A 210 -16.98 13.13 -20.32
C ASN A 210 -17.94 12.09 -19.79
N HIS A 211 -18.93 11.75 -20.61
CA HIS A 211 -19.97 10.82 -20.25
C HIS A 211 -20.20 9.83 -21.39
N LYS A 212 -19.38 8.80 -21.46
CA LYS A 212 -19.37 7.87 -22.58
C LYS A 212 -20.63 7.02 -22.74
N PRO A 213 -21.39 6.69 -21.69
CA PRO A 213 -22.66 5.96 -21.94
C PRO A 213 -23.58 6.67 -22.93
N SER A 214 -23.53 7.99 -23.03
CA SER A 214 -24.26 8.72 -24.05
C SER A 214 -23.34 9.38 -25.08
N ASN A 215 -22.04 9.14 -24.99
CA ASN A 215 -21.04 9.84 -25.82
C ASN A 215 -21.26 11.35 -25.79
N THR A 216 -21.26 11.87 -24.57
CA THR A 216 -21.39 13.30 -24.32
C THR A 216 -20.09 13.80 -23.71
N LYS A 217 -19.45 14.75 -24.39
CA LYS A 217 -18.28 15.45 -23.86
C LYS A 217 -18.57 16.94 -23.84
N VAL A 218 -18.29 17.59 -22.72
CA VAL A 218 -18.50 19.02 -22.54
C VAL A 218 -17.26 19.63 -21.90
N ASP A 219 -16.81 20.76 -22.44
CA ASP A 219 -15.81 21.62 -21.79
C ASP A 219 -16.50 22.90 -21.35
N LYS A 220 -16.40 23.21 -20.07
CA LYS A 220 -17.15 24.32 -19.48
C LYS A 220 -16.15 25.30 -18.87
N LYS A 221 -16.05 26.48 -19.47
CA LYS A 221 -15.22 27.54 -18.91
C LYS A 221 -15.97 28.16 -17.74
N VAL A 222 -15.30 28.30 -16.61
CA VAL A 222 -15.90 28.87 -15.41
C VAL A 222 -15.22 30.20 -15.11
N GLU A 223 -16.01 31.26 -15.09
CA GLU A 223 -15.58 32.63 -14.89
C GLU A 223 -16.26 33.20 -13.64
N PRO A 224 -15.67 34.21 -13.02
CA PRO A 224 -16.41 34.98 -12.02
C PRO A 224 -17.69 35.54 -12.64
N LYS A 225 -18.72 35.68 -11.82
CA LYS A 225 -19.99 36.17 -12.32
C LYS A 225 -20.02 37.69 -12.20
N SER A 226 -20.77 38.33 -13.09
CA SER A 226 -20.80 39.78 -13.16
C SER A 226 -21.97 40.30 -12.32
N CYS A 227 -21.66 40.96 -11.21
CA CYS A 227 -22.68 41.49 -10.33
C CYS A 227 -23.09 42.90 -10.77
N GLN B 1 -28.04 -19.00 6.30
CA GLN B 1 -26.58 -19.05 6.39
C GLN B 1 -26.08 -18.24 7.58
N ILE B 2 -24.76 -18.11 7.70
CA ILE B 2 -24.15 -17.52 8.88
C ILE B 2 -23.94 -16.03 8.69
N VAL B 3 -24.23 -15.25 9.74
CA VAL B 3 -24.16 -13.80 9.72
C VAL B 3 -22.90 -13.37 10.45
N LEU B 4 -22.15 -12.45 9.85
CA LEU B 4 -20.90 -11.95 10.39
C LEU B 4 -21.12 -10.51 10.82
N THR B 5 -20.89 -10.24 12.10
CA THR B 5 -21.01 -8.89 12.63
C THR B 5 -19.62 -8.39 12.97
N GLN B 6 -19.27 -7.25 12.40
CA GLN B 6 -17.97 -6.63 12.57
C GLN B 6 -18.01 -5.39 13.43
N SER B 7 -16.96 -5.18 14.21
CA SER B 7 -16.85 -3.96 15.00
C SER B 7 -15.41 -3.51 15.09
N PRO B 8 -15.20 -2.22 15.24
CA PRO B 8 -16.24 -1.19 15.14
C PRO B 8 -16.58 -0.87 13.69
N ALA B 9 -17.64 -0.10 13.46
CA ALA B 9 -17.94 0.31 12.09
C ALA B 9 -16.81 1.14 11.50
N THR B 10 -16.31 2.10 12.28
CA THR B 10 -15.19 2.93 11.85
C THR B 10 -14.11 2.91 12.93
N LEU B 11 -12.87 2.80 12.49
CA LEU B 11 -11.70 2.76 13.39
C LEU B 11 -10.80 3.92 13.01
N SER B 12 -10.66 4.89 13.90
CA SER B 12 -9.84 6.08 13.65
C SER B 12 -8.57 5.98 14.46
N LEU B 13 -7.44 5.82 13.77
CA LEU B 13 -6.14 5.77 14.42
C LEU B 13 -5.10 6.37 13.48
N SER B 14 -3.99 6.77 14.07
CA SER B 14 -2.91 7.34 13.29
CA SER B 14 -2.91 7.34 13.29
C SER B 14 -1.87 6.28 12.99
N PRO B 15 -1.07 6.47 11.93
CA PRO B 15 -0.02 5.49 11.62
C PRO B 15 0.93 5.30 12.79
N GLY B 16 1.40 4.06 12.96
CA GLY B 16 2.22 3.69 14.08
C GLY B 16 1.47 3.05 15.23
N GLU B 17 0.15 3.20 15.28
CA GLU B 17 -0.61 2.55 16.34
C GLU B 17 -1.00 1.14 15.93
N ARG B 18 -1.60 0.44 16.88
CA ARG B 18 -2.00 -0.95 16.74
C ARG B 18 -3.50 -0.99 16.49
N ALA B 19 -3.92 -1.78 15.52
CA ALA B 19 -5.32 -1.85 15.13
C ALA B 19 -5.86 -3.23 15.50
N THR B 20 -7.06 -3.25 16.07
CA THR B 20 -7.72 -4.51 16.40
C THR B 20 -9.16 -4.46 15.89
N LEU B 21 -9.48 -5.36 14.97
CA LEU B 21 -10.82 -5.48 14.39
C LEU B 21 -11.41 -6.82 14.74
N SER B 22 -12.69 -6.82 15.06
CA SER B 22 -13.36 -8.01 15.54
C SER B 22 -14.36 -8.51 14.52
N CYS B 23 -14.61 -9.81 14.57
CA CYS B 23 -15.56 -10.46 13.68
C CYS B 23 -16.28 -11.50 14.54
N ARG B 24 -17.56 -11.29 14.78
CA ARG B 24 -18.41 -12.21 15.51
C ARG B 24 -19.37 -12.89 14.55
N ALA B 25 -19.47 -14.22 14.67
CA ALA B 25 -20.31 -15.03 13.82
C ALA B 25 -21.56 -15.47 14.57
N SER B 26 -22.68 -15.50 13.89
CA SER B 26 -23.92 -15.93 14.48
C SER B 26 -23.86 -17.39 14.87
N GLN B 27 -23.08 -18.18 14.15
CA GLN B 27 -22.95 -19.59 14.44
C GLN B 27 -21.51 -19.93 14.25
N SER B 28 -21.10 -21.07 14.75
CA SER B 28 -19.70 -21.44 14.67
C SER B 28 -19.30 -21.63 13.21
N VAL B 29 -18.21 -20.98 12.82
CA VAL B 29 -17.63 -21.18 11.50
C VAL B 29 -16.38 -22.05 11.57
N SER B 30 -16.22 -22.80 12.66
CA SER B 30 -15.00 -23.54 12.96
C SER B 30 -13.80 -22.60 12.82
N ASN B 31 -12.90 -22.89 11.88
CA ASN B 31 -11.74 -22.05 11.66
C ASN B 31 -11.74 -21.42 10.27
N HIS B 32 -12.84 -21.54 9.52
CA HIS B 32 -12.88 -21.11 8.12
C HIS B 32 -13.31 -19.64 8.05
N LEU B 33 -12.42 -18.78 8.52
CA LEU B 33 -12.66 -17.35 8.47
C LEU B 33 -11.48 -16.68 7.76
N ALA B 34 -11.80 -15.86 6.77
CA ALA B 34 -10.79 -15.12 6.02
C ALA B 34 -10.97 -13.63 6.25
N TRP B 35 -9.91 -12.88 5.98
CA TRP B 35 -9.93 -11.41 6.09
C TRP B 35 -9.52 -10.82 4.75
N TYR B 36 -10.28 -9.82 4.31
CA TYR B 36 -10.03 -9.13 3.06
C TYR B 36 -9.86 -7.64 3.29
N GLN B 37 -9.03 -7.02 2.47
CA GLN B 37 -8.82 -5.58 2.45
C GLN B 37 -9.29 -5.03 1.12
N GLN B 38 -10.05 -3.95 1.17
CA GLN B 38 -10.45 -3.25 -0.02
C GLN B 38 -10.22 -1.74 0.06
N LYS B 39 -9.62 -1.18 -0.98
CA LYS B 39 -9.50 0.25 -1.15
C LYS B 39 -10.44 0.71 -2.26
N PRO B 40 -10.82 1.99 -2.28
CA PRO B 40 -11.83 2.43 -3.25
C PRO B 40 -11.38 2.25 -4.69
N GLY B 41 -12.28 1.72 -5.51
CA GLY B 41 -12.00 1.51 -6.91
C GLY B 41 -11.16 0.29 -7.22
N GLN B 42 -10.99 -0.62 -6.26
CA GLN B 42 -10.16 -1.80 -6.44
C GLN B 42 -10.91 -3.05 -6.01
N ALA B 43 -10.51 -4.18 -6.58
CA ALA B 43 -11.02 -5.46 -6.10
C ALA B 43 -10.46 -5.75 -4.71
N PRO B 44 -11.18 -6.54 -3.91
CA PRO B 44 -10.64 -6.93 -2.60
C PRO B 44 -9.36 -7.74 -2.72
N ARG B 45 -8.59 -7.74 -1.64
CA ARG B 45 -7.34 -8.49 -1.59
C ARG B 45 -7.32 -9.32 -0.31
N LEU B 46 -6.96 -10.59 -0.45
CA LEU B 46 -6.97 -11.52 0.67
C LEU B 46 -5.76 -11.26 1.54
N LEU B 47 -5.97 -11.16 2.85
CA LEU B 47 -4.91 -10.97 3.82
C LEU B 47 -4.65 -12.21 4.66
N ILE B 48 -5.72 -12.76 5.24
CA ILE B 48 -5.64 -13.91 6.13
C ILE B 48 -6.64 -14.95 5.66
N TYR B 49 -6.22 -16.20 5.63
CA TYR B 49 -7.14 -17.28 5.35
C TYR B 49 -7.08 -18.30 6.47
N GLU B 50 -8.17 -19.03 6.68
CA GLU B 50 -8.22 -20.04 7.72
C GLU B 50 -7.82 -19.50 9.10
N THR B 51 -8.35 -18.33 9.43
CA THR B 51 -8.12 -17.68 10.71
C THR B 51 -6.79 -16.97 10.93
N SER B 52 -5.67 -17.68 10.79
CA SER B 52 -4.38 -17.06 11.05
C SER B 52 -3.27 -17.14 9.99
N ASN B 53 -3.56 -17.59 8.79
CA ASN B 53 -2.50 -17.71 7.79
C ASN B 53 -2.47 -16.48 6.90
N ARG B 54 -1.29 -15.86 6.81
CA ARG B 54 -1.14 -14.69 5.94
C ARG B 54 -0.93 -15.13 4.50
N ALA B 55 -1.63 -14.48 3.57
CA ALA B 55 -1.39 -14.69 2.15
C ALA B 55 0.00 -14.19 1.78
N THR B 56 0.42 -14.46 0.54
CA THR B 56 1.78 -14.09 0.15
C THR B 56 1.85 -12.60 -0.11
N GLY B 57 2.96 -11.99 0.33
CA GLY B 57 3.13 -10.56 0.26
C GLY B 57 2.51 -9.77 1.39
N ILE B 58 1.91 -10.43 2.38
CA ILE B 58 1.24 -9.75 3.49
C ILE B 58 2.27 -9.58 4.61
N PRO B 59 2.54 -8.35 5.05
CA PRO B 59 3.56 -8.16 6.08
C PRO B 59 3.16 -8.83 7.37
N PRO B 60 4.13 -9.23 8.20
CA PRO B 60 3.81 -9.93 9.44
C PRO B 60 3.23 -9.04 10.53
N ARG B 61 3.03 -7.75 10.27
CA ARG B 61 2.32 -6.91 11.22
C ARG B 61 0.82 -7.20 11.23
N PHE B 62 0.32 -7.88 10.19
CA PHE B 62 -1.04 -8.38 10.19
C PHE B 62 -1.07 -9.72 10.91
N SER B 63 -2.02 -9.88 11.84
CA SER B 63 -2.14 -11.10 12.62
C SER B 63 -3.62 -11.43 12.80
N GLY B 64 -3.95 -12.72 12.71
CA GLY B 64 -5.32 -13.15 12.84
C GLY B 64 -5.44 -14.24 13.88
N SER B 65 -6.51 -14.16 14.68
CA SER B 65 -6.71 -15.09 15.78
C SER B 65 -8.19 -15.32 15.98
N GLY B 66 -8.48 -16.29 16.85
CA GLY B 66 -9.83 -16.69 17.22
C GLY B 66 -10.25 -18.07 16.76
N SER B 67 -11.48 -18.44 17.12
CA SER B 67 -12.10 -19.69 16.70
C SER B 67 -13.61 -19.60 16.88
N GLY B 68 -14.36 -20.47 16.21
CA GLY B 68 -15.79 -20.52 16.45
C GLY B 68 -16.48 -19.22 16.14
N THR B 69 -17.15 -18.66 17.14
CA THR B 69 -17.79 -17.36 17.05
C THR B 69 -16.95 -16.09 16.92
N ASP B 70 -15.79 -16.03 17.59
CA ASP B 70 -15.09 -14.76 17.75
C ASP B 70 -13.74 -14.72 17.06
N PHE B 71 -13.49 -13.65 16.31
CA PHE B 71 -12.23 -13.59 15.58
C PHE B 71 -11.70 -12.16 15.59
N THR B 72 -10.39 -12.04 15.47
CA THR B 72 -9.71 -10.77 15.62
C THR B 72 -8.66 -10.63 14.53
N LEU B 73 -8.61 -9.47 13.90
CA LEU B 73 -7.54 -9.08 13.00
C LEU B 73 -6.72 -7.99 13.70
N THR B 74 -5.44 -8.25 13.89
CA THR B 74 -4.53 -7.34 14.57
C THR B 74 -3.51 -6.80 13.57
N ILE B 75 -3.41 -5.49 13.47
CA ILE B 75 -2.34 -4.87 12.72
C ILE B 75 -1.47 -4.14 13.71
N SER B 76 -0.26 -4.64 13.89
CA SER B 76 0.59 -4.21 15.00
C SER B 76 1.11 -2.78 15.01
N SER B 77 1.56 -2.27 13.87
CA SER B 77 1.97 -0.89 13.81
C SER B 77 1.45 -0.33 12.50
N LEU B 78 0.49 0.59 12.53
CA LEU B 78 -0.18 0.88 11.27
C LEU B 78 0.75 1.60 10.31
N GLU B 79 0.70 1.18 9.04
CA GLU B 79 1.30 1.92 7.93
C GLU B 79 0.21 2.63 7.13
N PRO B 80 0.54 3.73 6.43
CA PRO B 80 -0.51 4.43 5.68
C PRO B 80 -1.21 3.56 4.64
N GLU B 81 -0.53 2.55 4.12
CA GLU B 81 -1.15 1.63 3.17
C GLU B 81 -2.21 0.75 3.81
N ASP B 82 -2.31 0.69 5.14
CA ASP B 82 -3.26 -0.19 5.79
C ASP B 82 -4.60 0.47 6.08
N PHE B 83 -4.77 1.74 5.75
CA PHE B 83 -6.04 2.42 6.00
C PHE B 83 -6.98 2.15 4.83
N ALA B 84 -8.08 1.46 5.12
CA ALA B 84 -8.97 0.89 4.12
C ALA B 84 -10.15 0.23 4.81
N VAL B 85 -10.97 -0.49 4.05
CA VAL B 85 -12.08 -1.24 4.60
C VAL B 85 -11.66 -2.70 4.70
N TYR B 86 -12.09 -3.36 5.77
CA TYR B 86 -11.77 -4.76 6.00
C TYR B 86 -13.05 -5.55 6.17
N TYR B 87 -13.11 -6.70 5.51
CA TYR B 87 -14.22 -7.63 5.61
C TYR B 87 -13.72 -8.98 6.08
N CYS B 88 -14.38 -9.56 7.06
CA CYS B 88 -14.18 -10.98 7.31
C CYS B 88 -15.15 -11.78 6.47
N GLN B 89 -14.84 -13.06 6.30
CA GLN B 89 -15.63 -13.91 5.43
C GLN B 89 -15.57 -15.36 5.90
N GLN B 90 -16.72 -15.95 6.16
CA GLN B 90 -16.81 -17.33 6.61
C GLN B 90 -17.05 -18.26 5.43
N ARG B 91 -16.53 -19.48 5.54
CA ARG B 91 -16.74 -20.53 4.54
C ARG B 91 -17.10 -21.85 5.17
N ASN B 92 -17.80 -21.80 6.27
CA ASN B 92 -18.20 -23.01 6.95
C ASN B 92 -19.54 -23.43 6.41
N ASN B 93 -20.42 -22.49 6.14
CA ASN B 93 -21.76 -22.79 5.64
C ASN B 93 -22.04 -21.83 4.49
N TRP B 94 -21.71 -22.27 3.28
CA TRP B 94 -21.61 -21.43 2.09
C TRP B 94 -20.62 -20.30 2.29
N TYR B 95 -20.94 -19.10 1.84
CA TYR B 95 -19.99 -17.97 1.87
C TYR B 95 -20.77 -16.73 2.20
N THR B 96 -20.33 -16.02 3.24
CA THR B 96 -20.88 -14.72 3.58
C THR B 96 -19.75 -13.81 4.07
N PHE B 97 -19.88 -12.53 3.79
CA PHE B 97 -18.97 -11.51 4.28
C PHE B 97 -19.62 -10.75 5.42
N GLY B 98 -18.78 -10.24 6.32
CA GLY B 98 -19.23 -9.23 7.26
C GLY B 98 -19.50 -7.93 6.53
N GLN B 99 -20.17 -7.00 7.22
CA GLN B 99 -20.55 -5.76 6.57
C GLN B 99 -19.40 -4.78 6.45
N GLY B 100 -18.29 -5.03 7.13
CA GLY B 100 -17.07 -4.27 6.91
C GLY B 100 -16.75 -3.31 8.05
N THR B 101 -15.45 -3.11 8.28
CA THR B 101 -14.94 -2.10 9.18
C THR B 101 -14.08 -1.13 8.39
N LYS B 102 -14.34 0.17 8.54
CA LYS B 102 -13.57 1.22 7.89
C LYS B 102 -12.49 1.71 8.84
N LEU B 103 -11.23 1.60 8.41
CA LEU B 103 -10.10 2.02 9.24
C LEU B 103 -9.57 3.33 8.67
N GLU B 104 -9.75 4.41 9.41
CA GLU B 104 -9.56 5.76 8.92
C GLU B 104 -8.41 6.43 9.68
N ILE B 105 -7.70 7.33 8.99
CA ILE B 105 -6.58 8.03 9.60
C ILE B 105 -7.13 9.10 10.53
N LYS B 106 -6.75 9.02 11.81
CA LYS B 106 -7.07 10.08 12.75
C LYS B 106 -6.02 11.18 12.68
N ARG B 107 -6.48 12.42 12.66
CA ARG B 107 -5.63 13.60 12.59
C ARG B 107 -6.23 14.67 13.49
N THR B 108 -5.60 15.83 13.50
CA THR B 108 -6.10 16.93 14.30
C THR B 108 -7.40 17.47 13.73
N VAL B 109 -8.21 18.07 14.60
CA VAL B 109 -9.46 18.67 14.17
C VAL B 109 -9.18 19.78 13.18
N ALA B 110 -9.97 19.83 12.11
CA ALA B 110 -9.85 20.86 11.10
C ALA B 110 -11.24 21.33 10.69
N ALA B 111 -11.49 22.61 10.81
CA ALA B 111 -12.79 23.18 10.46
C ALA B 111 -12.93 23.26 8.94
N PRO B 112 -14.16 23.17 8.43
CA PRO B 112 -14.37 23.32 6.99
C PRO B 112 -14.34 24.78 6.57
N SER B 113 -13.84 25.00 5.37
CA SER B 113 -14.07 26.25 4.66
C SER B 113 -15.39 26.13 3.92
N VAL B 114 -16.29 27.08 4.15
CA VAL B 114 -17.65 27.02 3.64
C VAL B 114 -17.83 28.01 2.50
N PHE B 115 -18.37 27.55 1.39
CA PHE B 115 -18.69 28.38 0.24
C PHE B 115 -20.08 28.03 -0.26
N ILE B 116 -20.81 29.04 -0.73
CA ILE B 116 -22.14 28.84 -1.28
C ILE B 116 -22.15 29.31 -2.73
N PHE B 117 -22.92 28.63 -3.56
CA PHE B 117 -22.96 28.88 -4.99
C PHE B 117 -24.39 29.08 -5.44
N PRO B 118 -24.77 30.28 -5.87
CA PRO B 118 -26.11 30.51 -6.39
C PRO B 118 -26.35 29.67 -7.64
N PRO B 119 -27.60 29.41 -7.99
CA PRO B 119 -27.88 28.79 -9.29
C PRO B 119 -27.37 29.66 -10.43
N SER B 120 -26.92 29.00 -11.49
CA SER B 120 -26.51 29.69 -12.69
C SER B 120 -27.71 30.18 -13.47
N ASP B 121 -27.50 31.25 -14.23
CA ASP B 121 -28.54 31.80 -15.08
C ASP B 121 -28.92 30.78 -16.11
N GLU B 122 -27.93 30.03 -16.58
CA GLU B 122 -28.16 29.02 -17.58
C GLU B 122 -29.11 27.94 -17.08
N GLN B 123 -28.93 27.50 -15.85
CA GLN B 123 -29.85 26.54 -15.27
C GLN B 123 -31.24 27.13 -15.09
N LEU B 124 -31.30 28.38 -14.69
CA LEU B 124 -32.58 29.03 -14.37
C LEU B 124 -33.49 29.05 -15.59
N LYS B 125 -32.90 29.25 -16.76
CA LYS B 125 -33.68 29.33 -17.98
C LYS B 125 -34.39 28.01 -18.20
N SER B 126 -33.73 26.93 -17.81
CA SER B 126 -34.25 25.58 -17.97
C SER B 126 -35.42 25.24 -17.05
N GLY B 127 -35.64 26.08 -16.04
CA GLY B 127 -36.76 25.94 -15.14
C GLY B 127 -36.46 25.42 -13.75
N THR B 128 -35.20 25.13 -13.42
CA THR B 128 -34.85 24.58 -12.11
C THR B 128 -33.70 25.38 -11.52
N ALA B 129 -33.65 25.43 -10.19
CA ALA B 129 -32.60 26.17 -9.48
C ALA B 129 -31.88 25.22 -8.53
N SER B 130 -30.56 25.11 -8.70
CA SER B 130 -29.73 24.29 -7.83
C SER B 130 -28.77 25.18 -7.06
N VAL B 131 -28.90 25.17 -5.74
CA VAL B 131 -27.99 25.90 -4.84
C VAL B 131 -27.05 24.88 -4.21
N VAL B 132 -25.75 25.17 -4.25
CA VAL B 132 -24.72 24.23 -3.82
C VAL B 132 -23.94 24.85 -2.67
N CYS B 133 -23.76 24.07 -1.61
CA CYS B 133 -22.92 24.47 -0.49
C CYS B 133 -21.71 23.54 -0.41
N LEU B 134 -20.52 24.13 -0.32
CA LEU B 134 -19.27 23.40 -0.30
C LEU B 134 -18.62 23.48 1.08
N LEU B 135 -18.30 22.31 1.64
CA LEU B 135 -17.52 22.19 2.88
C LEU B 135 -16.18 21.58 2.52
N ASN B 136 -15.13 22.37 2.64
CA ASN B 136 -13.85 21.99 2.11
C ASN B 136 -12.81 21.70 3.18
N ASN B 137 -12.18 20.54 3.06
CA ASN B 137 -11.06 20.12 3.90
C ASN B 137 -11.21 20.12 5.42
N PHE B 138 -12.13 19.31 5.91
CA PHE B 138 -12.45 19.29 7.33
C PHE B 138 -12.18 17.90 7.91
N TYR B 139 -12.02 17.86 9.23
CA TYR B 139 -11.91 16.63 9.98
C TYR B 139 -12.29 16.93 11.45
N PRO B 140 -13.03 16.03 12.12
CA PRO B 140 -13.56 14.73 11.65
C PRO B 140 -14.58 14.85 10.53
N ARG B 141 -15.03 13.69 10.06
CA ARG B 141 -15.88 13.64 8.89
C ARG B 141 -17.33 13.96 9.19
N GLU B 142 -17.76 13.82 10.44
CA GLU B 142 -19.10 14.22 10.84
C GLU B 142 -19.28 15.72 10.67
N ALA B 143 -20.26 16.12 9.86
CA ALA B 143 -20.60 17.52 9.72
C ALA B 143 -22.07 17.64 9.38
N LYS B 144 -22.67 18.75 9.76
CA LYS B 144 -24.10 18.97 9.55
C LYS B 144 -24.31 20.25 8.74
N VAL B 145 -25.10 20.13 7.68
CA VAL B 145 -25.49 21.26 6.82
C VAL B 145 -26.99 21.46 6.98
N GLN B 146 -27.41 22.72 7.14
CA GLN B 146 -28.82 23.06 7.17
C GLN B 146 -29.10 24.16 6.16
N TRP B 147 -30.05 23.91 5.27
CA TRP B 147 -30.48 24.90 4.29
C TRP B 147 -31.61 25.75 4.85
N LYS B 148 -31.52 27.06 4.65
CA LYS B 148 -32.52 28.01 5.11
C LYS B 148 -32.88 28.93 3.96
N VAL B 149 -34.16 29.02 3.64
CA VAL B 149 -34.65 29.91 2.59
C VAL B 149 -35.58 30.91 3.27
N ASP B 150 -35.17 32.17 3.29
CA ASP B 150 -35.76 33.19 4.16
C ASP B 150 -36.04 32.62 5.56
N ASN B 151 -35.01 32.01 6.12
CA ASN B 151 -35.03 31.48 7.49
C ASN B 151 -36.02 30.33 7.65
N ALA B 152 -36.44 29.72 6.55
CA ALA B 152 -37.26 28.52 6.60
C ALA B 152 -36.36 27.32 6.40
N LEU B 153 -36.40 26.37 7.34
CA LEU B 153 -35.54 25.20 7.27
C LEU B 153 -36.01 24.30 6.13
N GLN B 154 -35.10 23.90 5.28
CA GLN B 154 -35.42 23.02 4.19
C GLN B 154 -35.06 21.59 4.57
N SER B 155 -35.99 20.71 4.39
CA SER B 155 -35.75 19.31 4.73
C SER B 155 -36.34 18.40 3.67
N GLY B 156 -35.56 17.39 3.25
CA GLY B 156 -35.99 16.44 2.26
C GLY B 156 -35.86 16.87 0.83
N ASN B 157 -35.37 18.08 0.55
CA ASN B 157 -35.19 18.56 -0.82
C ASN B 157 -33.73 18.91 -1.11
N SER B 158 -32.81 18.24 -0.42
CA SER B 158 -31.38 18.41 -0.68
C SER B 158 -30.71 17.06 -0.61
N GLN B 159 -29.52 16.96 -1.17
CA GLN B 159 -28.72 15.76 -1.14
C GLN B 159 -27.27 16.16 -1.00
N GLU B 160 -26.45 15.32 -0.40
CA GLU B 160 -25.05 15.61 -0.17
C GLU B 160 -24.22 14.36 -0.45
N SER B 161 -22.94 14.57 -0.71
CA SER B 161 -21.98 13.47 -0.81
C SER B 161 -20.65 13.94 -0.26
N VAL B 162 -19.81 12.97 0.10
CA VAL B 162 -18.56 13.22 0.81
C VAL B 162 -17.42 12.50 0.10
N THR B 163 -16.33 13.21 -0.10
CA THR B 163 -15.14 12.62 -0.71
C THR B 163 -14.49 11.61 0.22
N GLU B 164 -13.66 10.76 -0.36
CA GLU B 164 -12.81 9.88 0.44
C GLU B 164 -11.79 10.72 1.21
N GLN B 165 -11.21 10.13 2.24
CA GLN B 165 -10.20 10.83 3.02
C GLN B 165 -9.04 11.22 2.12
N ASP B 166 -8.70 12.51 2.12
CA ASP B 166 -7.73 13.02 1.16
C ASP B 166 -6.35 12.44 1.45
N SER B 167 -5.67 11.98 0.41
CA SER B 167 -4.42 11.25 0.60
C SER B 167 -3.29 12.13 1.12
N LYS B 168 -3.44 13.46 1.10
CA LYS B 168 -2.35 14.33 1.51
C LYS B 168 -2.55 14.89 2.92
N ASP B 169 -3.73 15.44 3.23
CA ASP B 169 -3.98 16.02 4.53
C ASP B 169 -4.99 15.22 5.35
N SER B 170 -5.47 14.09 4.82
CA SER B 170 -6.40 13.21 5.52
C SER B 170 -7.66 13.92 5.98
N THR B 171 -8.09 14.94 5.25
CA THR B 171 -9.35 15.61 5.52
C THR B 171 -10.45 15.08 4.62
N TYR B 172 -11.67 15.53 4.89
CA TYR B 172 -12.83 15.24 4.05
C TYR B 172 -13.37 16.54 3.46
N SER B 173 -14.15 16.39 2.40
CA SER B 173 -14.89 17.49 1.82
C SER B 173 -16.31 17.03 1.53
N LEU B 174 -17.26 17.95 1.61
CA LEU B 174 -18.67 17.64 1.44
C LEU B 174 -19.33 18.66 0.55
N SER B 175 -20.15 18.18 -0.38
CA SER B 175 -20.95 19.00 -1.28
C SER B 175 -22.43 18.70 -1.06
N SER B 176 -23.23 19.74 -0.86
CA SER B 176 -24.67 19.61 -0.68
C SER B 176 -25.40 20.45 -1.71
N THR B 177 -26.43 19.88 -2.32
CA THR B 177 -27.19 20.56 -3.36
C THR B 177 -28.62 20.73 -2.89
N LEU B 178 -29.10 21.98 -2.89
CA LEU B 178 -30.50 22.29 -2.65
C LEU B 178 -31.15 22.62 -3.98
N THR B 179 -32.22 21.91 -4.32
CA THR B 179 -32.88 22.08 -5.61
C THR B 179 -34.31 22.58 -5.40
N LEU B 180 -34.69 23.59 -6.17
CA LEU B 180 -36.05 24.11 -6.22
C LEU B 180 -36.42 24.39 -7.67
N SER B 181 -37.72 24.45 -7.92
CA SER B 181 -38.19 24.94 -9.21
C SER B 181 -37.81 26.40 -9.37
N LYS B 182 -37.67 26.83 -10.63
CA LYS B 182 -37.39 28.24 -10.89
C LYS B 182 -38.43 29.12 -10.23
N ALA B 183 -39.71 28.78 -10.36
CA ALA B 183 -40.78 29.57 -9.77
C ALA B 183 -40.60 29.70 -8.26
N ASP B 184 -40.45 28.58 -7.56
CA ASP B 184 -40.28 28.65 -6.11
C ASP B 184 -39.03 29.44 -5.75
N TYR B 185 -37.98 29.32 -6.55
CA TYR B 185 -36.72 29.96 -6.23
C TYR B 185 -36.82 31.48 -6.30
N GLU B 186 -37.49 32.01 -7.31
CA GLU B 186 -37.61 33.46 -7.44
C GLU B 186 -38.65 34.05 -6.50
N LYS B 187 -39.34 33.23 -5.72
CA LYS B 187 -40.30 33.72 -4.73
C LYS B 187 -39.64 34.04 -3.39
N HIS B 188 -38.33 33.85 -3.29
CA HIS B 188 -37.59 34.06 -2.05
C HIS B 188 -36.33 34.91 -2.22
N LYS B 189 -35.76 35.43 -1.14
CA LYS B 189 -34.63 36.34 -1.21
C LYS B 189 -33.37 35.74 -0.60
N VAL B 190 -33.39 35.34 0.67
CA VAL B 190 -32.18 34.96 1.39
C VAL B 190 -31.98 33.44 1.30
N TYR B 191 -30.85 33.03 0.75
CA TYR B 191 -30.48 31.61 0.67
C TYR B 191 -29.21 31.39 1.48
N ALA B 192 -29.31 30.53 2.49
CA ALA B 192 -28.27 30.39 3.48
C ALA B 192 -27.92 28.92 3.67
N CYS B 193 -26.64 28.65 3.77
CA CYS B 193 -26.11 27.34 4.14
C CYS B 193 -25.50 27.48 5.53
N GLU B 194 -26.02 26.72 6.49
CA GLU B 194 -25.53 26.77 7.86
C GLU B 194 -24.80 25.48 8.17
N VAL B 195 -23.58 25.62 8.70
CA VAL B 195 -22.66 24.50 8.88
C VAL B 195 -22.29 24.41 10.35
N THR B 196 -22.48 23.23 10.93
CA THR B 196 -21.99 22.93 12.27
C THR B 196 -20.95 21.82 12.17
N HIS B 197 -19.83 22.02 12.86
CA HIS B 197 -18.72 21.07 12.85
C HIS B 197 -17.94 21.26 14.14
N GLN B 198 -17.24 20.21 14.54
CA GLN B 198 -16.55 20.24 15.84
C GLN B 198 -15.43 21.29 15.84
N GLY B 199 -14.82 21.55 14.70
CA GLY B 199 -13.79 22.56 14.58
C GLY B 199 -14.27 23.98 14.51
N LEU B 200 -15.58 24.21 14.63
CA LEU B 200 -16.15 25.55 14.58
C LEU B 200 -16.68 25.90 15.96
N SER B 201 -16.23 27.04 16.50
CA SER B 201 -16.73 27.51 17.79
C SER B 201 -18.23 27.77 17.74
N SER B 202 -18.75 28.19 16.59
CA SER B 202 -20.15 28.51 16.43
C SER B 202 -20.59 28.14 15.02
N PRO B 203 -21.86 27.76 14.85
CA PRO B 203 -22.39 27.52 13.49
C PRO B 203 -22.03 28.62 12.53
N VAL B 204 -21.48 28.23 11.38
CA VAL B 204 -21.08 29.14 10.32
C VAL B 204 -22.21 29.22 9.30
N THR B 205 -22.51 30.44 8.85
CA THR B 205 -23.55 30.69 7.86
C THR B 205 -22.94 31.40 6.67
N LYS B 206 -23.12 30.84 5.49
CA LYS B 206 -22.79 31.50 4.24
C LYS B 206 -24.08 31.69 3.48
N SER B 207 -24.30 32.88 2.96
CA SER B 207 -25.61 33.25 2.45
C SER B 207 -25.46 34.23 1.30
N PHE B 208 -26.50 34.29 0.47
CA PHE B 208 -26.64 35.32 -0.54
C PHE B 208 -28.11 35.69 -0.65
N ASN B 209 -28.37 36.88 -1.19
CA ASN B 209 -29.73 37.31 -1.52
C ASN B 209 -29.89 37.26 -3.04
N ARG B 210 -30.94 36.59 -3.49
CA ARG B 210 -31.13 36.40 -4.92
C ARG B 210 -31.33 37.75 -5.59
N GLY B 211 -30.49 38.04 -6.58
CA GLY B 211 -30.54 39.30 -7.29
C GLY B 211 -29.87 40.48 -6.61
N ASN C 3 -28.79 -27.41 -2.17
CA ASN C 3 -27.55 -28.18 -2.06
C ASN C 3 -26.90 -28.04 -0.69
N ASP C 4 -26.59 -29.18 -0.07
CA ASP C 4 -25.82 -29.16 1.17
C ASP C 4 -24.39 -28.79 0.87
N PHE C 5 -23.86 -27.83 1.61
CA PHE C 5 -22.51 -27.35 1.40
C PHE C 5 -21.56 -28.13 2.29
N HIS C 6 -20.49 -28.60 1.69
CA HIS C 6 -19.39 -29.25 2.37
C HIS C 6 -18.08 -28.55 2.05
N PHE C 7 -17.28 -28.30 3.06
CA PHE C 7 -16.16 -27.38 2.86
C PHE C 7 -15.12 -27.92 1.88
N GLU C 8 -14.89 -29.24 1.86
CA GLU C 8 -13.87 -29.78 0.96
C GLU C 8 -14.37 -29.98 -0.45
N VAL C 9 -15.68 -29.89 -0.69
CA VAL C 9 -16.13 -29.84 -2.07
C VAL C 9 -15.71 -28.53 -2.72
N PHE C 10 -15.66 -27.44 -1.93
CA PHE C 10 -15.28 -26.14 -2.45
C PHE C 10 -13.84 -25.75 -2.16
N ASN C 11 -13.16 -26.42 -1.22
CA ASN C 11 -11.79 -26.09 -0.85
C ASN C 11 -10.95 -27.37 -0.80
N PHE C 12 -10.22 -27.64 -1.87
CA PHE C 12 -9.30 -28.76 -1.93
C PHE C 12 -8.05 -28.33 -2.70
N VAL C 13 -7.03 -29.16 -2.68
CA VAL C 13 -5.76 -28.87 -3.36
C VAL C 13 -5.68 -29.73 -4.61
N PRO C 14 -5.59 -29.14 -5.80
CA PRO C 14 -5.35 -29.94 -7.00
C PRO C 14 -3.96 -30.56 -6.92
N CYS C 15 -3.87 -31.81 -7.36
CA CYS C 15 -2.62 -32.54 -7.43
C CYS C 15 -1.61 -31.88 -8.36
N SER C 16 -2.08 -31.00 -9.25
CA SER C 16 -1.20 -30.47 -10.29
C SER C 16 -0.20 -29.49 -9.74
N ILE C 17 -0.36 -29.01 -8.50
CA ILE C 17 0.62 -28.12 -7.91
C ILE C 17 1.52 -28.84 -6.91
N CYS C 18 1.42 -30.15 -6.78
CA CYS C 18 2.21 -30.81 -5.74
C CYS C 18 3.66 -31.00 -6.16
N SER C 19 3.91 -31.19 -7.45
CA SER C 19 5.27 -31.37 -7.89
C SER C 19 5.83 -32.59 -7.17
N ASN C 20 6.88 -32.39 -6.40
CA ASN C 20 7.62 -33.47 -5.75
C ASN C 20 7.52 -33.37 -4.23
N ASN C 21 6.45 -32.78 -3.70
CA ASN C 21 6.32 -32.67 -2.26
C ASN C 21 5.38 -33.77 -1.79
N PRO C 22 5.85 -34.73 -1.00
CA PRO C 22 4.96 -35.83 -0.59
C PRO C 22 3.76 -35.37 0.22
N THR C 23 3.94 -34.38 1.11
CA THR C 23 2.84 -33.92 1.96
C THR C 23 1.61 -33.52 1.14
N CYS C 24 1.83 -32.84 0.00
CA CYS C 24 0.73 -32.36 -0.83
C CYS C 24 0.11 -33.51 -1.61
N TRP C 25 0.95 -34.43 -2.09
CA TRP C 25 0.47 -35.61 -2.80
C TRP C 25 -0.36 -36.52 -1.89
N ALA C 26 -0.21 -36.40 -0.58
CA ALA C 26 -0.95 -37.24 0.34
C ALA C 26 -2.37 -36.73 0.57
N ILE C 27 -2.65 -35.46 0.28
CA ILE C 27 -3.97 -34.87 0.54
C ILE C 27 -4.62 -34.31 -0.72
N CYS C 28 -3.90 -34.23 -1.84
CA CYS C 28 -4.41 -33.64 -3.06
C CYS C 28 -5.61 -34.43 -3.60
N LYS C 29 -6.19 -33.85 -4.64
CA LYS C 29 -7.32 -34.43 -5.36
C LYS C 29 -7.00 -34.36 -6.84
N ARG C 30 -6.78 -35.52 -7.46
CA ARG C 30 -6.48 -35.55 -8.88
C ARG C 30 -7.71 -35.10 -9.67
N ILE C 31 -7.49 -34.33 -10.74
CA ILE C 31 -8.60 -33.87 -11.54
C ILE C 31 -8.57 -34.50 -12.92
N PRO C 32 -9.63 -35.22 -13.26
CA PRO C 32 -9.72 -35.89 -14.57
C PRO C 32 -10.44 -35.02 -15.59
N GLU D 1 -0.97 -21.78 -2.95
CA GLU D 1 0.06 -20.92 -2.36
C GLU D 1 1.44 -21.25 -2.91
N GLU D 2 1.99 -20.34 -3.71
CA GLU D 2 3.36 -20.46 -4.20
C GLU D 2 4.31 -19.78 -3.23
N GLN D 3 5.44 -20.45 -2.97
CA GLN D 3 6.41 -19.91 -2.03
C GLN D 3 7.79 -20.46 -2.38
N LEU D 4 8.79 -19.60 -2.24
CA LEU D 4 10.19 -19.98 -2.33
C LEU D 4 10.80 -19.77 -0.95
N VAL D 5 11.56 -20.75 -0.47
CA VAL D 5 12.18 -20.66 0.85
C VAL D 5 13.67 -20.91 0.72
N GLU D 6 14.47 -19.92 1.09
CA GLU D 6 15.92 -20.01 1.05
C GLU D 6 16.47 -20.47 2.39
N SER D 7 17.61 -21.15 2.34
CA SER D 7 18.33 -21.56 3.53
C SER D 7 19.79 -21.80 3.14
N GLY D 8 20.62 -22.02 4.15
CA GLY D 8 22.04 -22.23 3.94
C GLY D 8 22.91 -21.01 4.15
N GLY D 9 22.31 -19.86 4.42
CA GLY D 9 23.09 -18.68 4.70
C GLY D 9 23.60 -18.67 6.14
N GLY D 10 24.59 -17.83 6.38
CA GLY D 10 25.13 -17.71 7.72
C GLY D 10 26.45 -16.98 7.74
N LEU D 11 27.16 -17.14 8.84
CA LEU D 11 28.42 -16.46 9.09
C LEU D 11 29.59 -17.32 8.61
N VAL D 12 30.45 -16.71 7.80
CA VAL D 12 31.59 -17.42 7.23
C VAL D 12 32.78 -16.47 7.13
N GLN D 13 33.98 -17.03 7.25
CA GLN D 13 35.18 -16.23 7.10
C GLN D 13 35.51 -16.01 5.62
N PRO D 14 36.23 -14.93 5.31
CA PRO D 14 36.61 -14.69 3.91
C PRO D 14 37.43 -15.83 3.35
N GLY D 15 37.23 -16.11 2.06
CA GLY D 15 37.87 -17.21 1.41
C GLY D 15 37.16 -18.55 1.56
N ARG D 16 36.14 -18.64 2.42
CA ARG D 16 35.46 -19.90 2.64
C ARG D 16 34.27 -20.06 1.74
N SER D 17 33.50 -21.11 1.99
CA SER D 17 32.45 -21.58 1.11
C SER D 17 31.13 -21.58 1.84
N LEU D 18 30.07 -21.48 1.05
CA LEU D 18 28.70 -21.65 1.52
C LEU D 18 27.92 -22.22 0.36
N ARG D 19 26.77 -22.80 0.67
CA ARG D 19 25.83 -23.18 -0.37
C ARG D 19 24.41 -22.90 0.07
N LEU D 20 23.71 -22.08 -0.70
CA LEU D 20 22.32 -21.80 -0.42
C LEU D 20 21.47 -22.80 -1.18
N SER D 21 20.33 -23.15 -0.59
CA SER D 21 19.32 -23.94 -1.26
C SER D 21 18.02 -23.15 -1.26
N CYS D 22 17.16 -23.46 -2.23
CA CYS D 22 15.86 -22.81 -2.36
C CYS D 22 14.83 -23.84 -2.75
N VAL D 23 13.87 -24.09 -1.87
CA VAL D 23 12.86 -25.12 -2.09
C VAL D 23 11.54 -24.44 -2.49
N GLY D 24 10.94 -24.92 -3.56
CA GLY D 24 9.65 -24.44 -4.01
C GLY D 24 8.51 -25.33 -3.55
N SER D 25 7.34 -24.72 -3.37
CA SER D 25 6.14 -25.48 -3.10
C SER D 25 4.96 -24.76 -3.73
N GLY D 26 3.99 -25.53 -4.18
CA GLY D 26 2.83 -24.93 -4.81
C GLY D 26 3.14 -24.53 -6.23
N LEU D 27 4.24 -25.04 -6.73
CA LEU D 27 4.68 -24.73 -8.06
C LEU D 27 5.03 -26.02 -8.73
N ARG D 28 4.97 -26.01 -10.05
CA ARG D 28 5.57 -27.08 -10.82
C ARG D 28 6.95 -26.56 -11.11
N PHE D 29 7.89 -27.00 -10.29
CA PHE D 29 9.20 -26.40 -10.16
C PHE D 29 9.90 -26.37 -11.48
N GLU D 30 9.70 -27.45 -12.21
CA GLU D 30 10.27 -27.72 -13.49
C GLU D 30 9.90 -26.79 -14.62
N GLU D 31 8.91 -25.94 -14.39
CA GLU D 31 8.39 -25.15 -15.49
C GLU D 31 9.06 -23.79 -15.65
N HIS D 32 9.87 -23.34 -14.68
CA HIS D 32 10.39 -21.98 -14.73
C HIS D 32 11.89 -21.93 -14.52
N ALA D 33 12.49 -20.96 -15.20
CA ALA D 33 13.83 -20.53 -14.85
C ALA D 33 13.81 -19.91 -13.46
N MET D 34 14.91 -20.07 -12.74
CA MET D 34 15.08 -19.56 -11.39
C MET D 34 16.26 -18.60 -11.37
N HIS D 35 16.25 -17.69 -10.40
CA HIS D 35 17.33 -16.74 -10.27
C HIS D 35 17.77 -16.53 -8.84
N TRP D 36 19.02 -16.11 -8.70
CA TRP D 36 19.58 -15.63 -7.45
C TRP D 36 19.77 -14.13 -7.59
N VAL D 37 19.17 -13.38 -6.68
CA VAL D 37 19.33 -11.93 -6.62
C VAL D 37 19.71 -11.57 -5.18
N ARG D 38 20.70 -10.71 -5.03
CA ARG D 38 21.17 -10.36 -3.70
C ARG D 38 21.05 -8.86 -3.46
N GLN D 39 21.13 -8.48 -2.18
CA GLN D 39 21.02 -7.08 -1.80
C GLN D 39 21.80 -6.85 -0.52
N ALA D 40 22.83 -6.02 -0.61
CA ALA D 40 23.64 -5.64 0.54
C ALA D 40 22.87 -4.61 1.37
N PRO D 41 23.17 -4.50 2.66
CA PRO D 41 22.36 -3.61 3.53
C PRO D 41 22.33 -2.18 3.03
N GLY D 42 21.13 -1.65 2.87
CA GLY D 42 20.94 -0.30 2.40
C GLY D 42 21.39 -0.04 0.97
N ARG D 43 21.58 -1.07 0.18
CA ARG D 43 21.98 -0.94 -1.22
C ARG D 43 20.87 -1.49 -2.12
N GLY D 44 21.12 -1.44 -3.43
CA GLY D 44 20.14 -1.87 -4.40
C GLY D 44 20.20 -3.38 -4.67
N LEU D 45 19.34 -3.80 -5.58
CA LEU D 45 19.26 -5.21 -5.98
C LEU D 45 20.33 -5.51 -7.03
N GLU D 46 20.93 -6.70 -6.95
CA GLU D 46 21.87 -7.13 -7.97
C GLU D 46 21.55 -8.56 -8.36
N TRP D 47 21.32 -8.77 -9.66
CA TRP D 47 21.18 -10.12 -10.18
C TRP D 47 22.50 -10.86 -10.02
N VAL D 48 22.43 -12.07 -9.48
CA VAL D 48 23.62 -12.88 -9.22
C VAL D 48 23.78 -13.97 -10.26
N SER D 49 22.70 -14.71 -10.54
CA SER D 49 22.78 -15.87 -11.42
C SER D 49 21.37 -16.24 -11.88
N GLY D 50 21.29 -16.83 -13.06
CA GLY D 50 20.04 -17.38 -13.55
C GLY D 50 20.28 -18.70 -14.24
N ILE D 51 19.30 -19.59 -14.11
CA ILE D 51 19.38 -20.94 -14.67
C ILE D 51 18.03 -21.31 -15.25
N SER D 52 18.03 -21.87 -16.46
CA SER D 52 16.81 -22.18 -17.16
C SER D 52 16.12 -23.41 -16.56
N TRP D 53 14.92 -23.69 -17.06
CA TRP D 53 14.07 -24.74 -16.49
C TRP D 53 14.78 -26.10 -16.49
N ASN D 54 15.56 -26.39 -17.53
CA ASN D 54 16.25 -27.67 -17.64
C ASN D 54 17.76 -27.53 -17.48
N SER D 55 18.22 -26.45 -16.84
CA SER D 55 19.65 -26.16 -16.66
C SER D 55 20.40 -26.11 -17.99
N GLY D 56 19.68 -25.94 -19.10
CA GLY D 56 20.34 -25.86 -20.39
C GLY D 56 21.11 -24.57 -20.60
N SER D 57 20.74 -23.54 -19.85
CA SER D 57 21.42 -22.26 -19.90
C SER D 57 21.63 -21.71 -18.49
N VAL D 58 22.86 -21.29 -18.19
CA VAL D 58 23.15 -20.69 -16.90
C VAL D 58 23.96 -19.43 -17.08
N GLY D 59 23.68 -18.42 -16.28
CA GLY D 59 24.37 -17.15 -16.38
C GLY D 59 24.83 -16.66 -15.03
N TYR D 60 25.89 -15.87 -15.02
CA TYR D 60 26.40 -15.32 -13.77
C TYR D 60 26.76 -13.85 -13.94
N ALA D 61 26.53 -13.07 -12.89
CA ALA D 61 27.05 -11.71 -12.85
C ALA D 61 28.56 -11.74 -12.85
N ASP D 62 29.17 -10.70 -13.43
CA ASP D 62 30.62 -10.64 -13.52
C ASP D 62 31.30 -10.69 -12.16
N SER D 63 30.65 -10.13 -11.14
CA SER D 63 31.26 -10.05 -9.81
C SER D 63 31.36 -11.40 -9.11
N VAL D 64 30.72 -12.45 -9.64
CA VAL D 64 30.73 -13.76 -9.01
C VAL D 64 31.26 -14.84 -9.94
N LYS D 65 31.60 -14.51 -11.18
CA LYS D 65 32.07 -15.52 -12.12
C LYS D 65 33.34 -16.18 -11.60
N GLY D 66 33.45 -17.49 -11.83
CA GLY D 66 34.57 -18.24 -11.34
C GLY D 66 34.52 -18.58 -9.87
N ARG D 67 33.53 -18.10 -9.13
CA ARG D 67 33.40 -18.37 -7.71
C ARG D 67 32.08 -19.00 -7.34
N PHE D 68 30.98 -18.57 -7.95
CA PHE D 68 29.67 -19.09 -7.64
C PHE D 68 29.27 -20.12 -8.68
N THR D 69 28.42 -21.07 -8.28
CA THR D 69 27.94 -22.10 -9.19
C THR D 69 26.47 -22.36 -8.89
N THR D 70 25.63 -22.20 -9.89
CA THR D 70 24.19 -22.36 -9.75
C THR D 70 23.77 -23.68 -10.39
N SER D 71 22.99 -24.45 -9.66
CA SER D 71 22.48 -25.72 -10.13
C SER D 71 21.06 -25.88 -9.60
N ARG D 72 20.36 -26.87 -10.14
CA ARG D 72 19.00 -27.13 -9.69
C ARG D 72 18.74 -28.62 -9.82
N ASP D 73 17.84 -29.13 -8.98
CA ASP D 73 17.42 -30.52 -9.03
C ASP D 73 15.89 -30.56 -9.03
N ASN D 74 15.33 -30.64 -10.24
CA ASN D 74 13.89 -30.56 -10.41
C ASN D 74 13.16 -31.73 -9.77
N ALA D 75 13.84 -32.87 -9.60
CA ALA D 75 13.19 -34.03 -9.00
C ALA D 75 12.94 -33.85 -7.51
N LYS D 76 13.48 -32.79 -6.89
CA LYS D 76 13.25 -32.52 -5.48
C LYS D 76 12.89 -31.06 -5.21
N ASP D 77 12.44 -30.32 -6.22
CA ASP D 77 11.96 -28.94 -6.09
C ASP D 77 12.97 -28.05 -5.36
N ILE D 78 14.23 -28.11 -5.79
CA ILE D 78 15.28 -27.39 -5.08
C ILE D 78 16.25 -26.75 -6.06
N LEU D 79 16.66 -25.53 -5.74
CA LEU D 79 17.65 -24.76 -6.49
C LEU D 79 18.84 -24.47 -5.58
N PHE D 80 20.05 -24.47 -6.13
CA PHE D 80 21.26 -24.28 -5.34
C PHE D 80 22.09 -23.09 -5.79
N LEU D 81 22.79 -22.50 -4.83
CA LEU D 81 23.85 -21.54 -5.08
C LEU D 81 25.05 -21.94 -4.23
N GLU D 82 26.08 -22.49 -4.87
CA GLU D 82 27.32 -22.80 -4.19
C GLU D 82 28.27 -21.62 -4.35
N MET D 83 28.78 -21.14 -3.23
CA MET D 83 29.55 -19.90 -3.17
C MET D 83 30.93 -20.25 -2.65
N ASN D 84 31.94 -20.05 -3.50
CA ASN D 84 33.31 -20.31 -3.13
C ASN D 84 34.10 -19.00 -3.06
N THR D 85 35.23 -19.05 -2.37
CA THR D 85 36.14 -17.93 -2.22
C THR D 85 35.37 -16.65 -1.89
N LEU D 86 34.58 -16.73 -0.83
CA LEU D 86 33.71 -15.63 -0.47
C LEU D 86 34.51 -14.42 0.00
N ARG D 87 33.97 -13.24 -0.29
CA ARG D 87 34.60 -11.99 0.07
C ARG D 87 33.67 -11.19 0.96
N SER D 88 34.26 -10.19 1.64
CA SER D 88 33.50 -9.28 2.47
C SER D 88 32.35 -8.65 1.69
N GLU D 89 32.57 -8.34 0.41
CA GLU D 89 31.60 -7.65 -0.41
C GLU D 89 30.42 -8.51 -0.85
N ASP D 90 30.44 -9.82 -0.64
CA ASP D 90 29.26 -10.62 -0.92
C ASP D 90 28.34 -10.75 0.29
N THR D 91 28.67 -10.08 1.40
CA THR D 91 27.72 -9.89 2.48
C THR D 91 26.44 -9.26 1.96
N ALA D 92 25.34 -9.99 1.99
CA ALA D 92 24.09 -9.50 1.46
C ALA D 92 22.97 -10.44 1.90
N LEU D 93 21.74 -9.99 1.67
CA LEU D 93 20.60 -10.87 1.76
C LEU D 93 20.38 -11.47 0.39
N TYR D 94 20.11 -12.77 0.34
CA TYR D 94 20.12 -13.52 -0.91
C TYR D 94 18.71 -14.02 -1.21
N PHE D 95 18.15 -13.54 -2.31
CA PHE D 95 16.79 -13.86 -2.73
C PHE D 95 16.81 -14.97 -3.77
N CYS D 96 15.87 -15.89 -3.63
CA CYS D 96 15.51 -16.85 -4.67
C CYS D 96 14.27 -16.29 -5.38
N ALA D 97 14.28 -16.31 -6.71
CA ALA D 97 13.20 -15.64 -7.43
C ALA D 97 12.90 -16.35 -8.76
N ILE D 98 11.63 -16.32 -9.13
CA ILE D 98 11.18 -16.62 -10.49
C ILE D 98 10.73 -15.31 -11.11
N MET D 99 11.30 -14.99 -12.26
CA MET D 99 11.03 -13.76 -12.97
C MET D 99 10.78 -13.99 -14.47
N VAL D 100 9.62 -14.53 -14.79
CA VAL D 100 9.21 -14.81 -16.16
C VAL D 100 8.15 -13.81 -16.57
N ALA D 101 8.25 -13.28 -17.79
CA ALA D 101 7.25 -12.38 -18.35
C ALA D 101 7.36 -12.43 -19.87
N THR D 102 6.22 -12.46 -20.54
CA THR D 102 6.22 -12.54 -21.99
C THR D 102 4.93 -11.96 -22.54
N THR D 103 5.04 -11.21 -23.63
CA THR D 103 3.86 -10.71 -24.33
C THR D 103 3.80 -11.23 -25.76
N LYS D 104 4.71 -12.11 -26.13
CA LYS D 104 4.84 -12.51 -27.51
C LYS D 104 4.17 -13.85 -27.81
N ASN D 105 3.13 -13.85 -28.65
CA ASN D 105 2.49 -12.62 -29.10
C ASN D 105 0.99 -12.46 -28.92
N ASP D 106 0.61 -11.38 -28.25
CA ASP D 106 -0.79 -11.05 -28.04
C ASP D 106 -1.35 -11.83 -26.85
N PHE D 107 -0.49 -12.64 -26.25
CA PHE D 107 -0.85 -13.37 -25.04
C PHE D 107 0.07 -12.91 -23.93
N HIS D 108 -0.49 -12.52 -22.80
CA HIS D 108 0.31 -11.99 -21.72
C HIS D 108 0.46 -13.00 -20.60
N TYR D 109 1.69 -13.38 -20.31
CA TYR D 109 1.99 -14.29 -19.25
C TYR D 109 3.16 -13.79 -18.41
N TYR D 110 3.06 -13.91 -17.10
CA TYR D 110 4.19 -13.60 -16.25
C TYR D 110 4.13 -14.48 -15.02
N LYS D 111 5.30 -14.68 -14.41
CA LYS D 111 5.42 -15.38 -13.14
C LYS D 111 6.49 -14.65 -12.32
N ASP D 112 6.09 -14.08 -11.19
CA ASP D 112 7.01 -13.34 -10.33
C ASP D 112 6.81 -13.76 -8.89
N VAL D 113 7.72 -14.59 -8.37
CA VAL D 113 7.65 -15.14 -7.03
C VAL D 113 9.01 -14.96 -6.38
N TRP D 114 9.02 -14.38 -5.18
CA TRP D 114 10.25 -14.17 -4.43
C TRP D 114 10.17 -14.88 -3.09
N GLY D 115 11.30 -15.40 -2.65
CA GLY D 115 11.42 -15.84 -1.28
C GLY D 115 11.65 -14.65 -0.37
N LYS D 116 11.72 -14.94 0.93
CA LYS D 116 12.02 -13.90 1.90
C LYS D 116 13.52 -13.65 2.04
N GLY D 117 14.35 -14.60 1.61
CA GLY D 117 15.78 -14.40 1.55
C GLY D 117 16.51 -15.08 2.68
N THR D 118 17.77 -15.42 2.44
CA THR D 118 18.67 -15.91 3.47
C THR D 118 19.90 -15.00 3.50
N THR D 119 20.42 -14.75 4.71
CA THR D 119 21.48 -13.77 4.89
C THR D 119 22.84 -14.43 4.91
N VAL D 120 23.77 -13.84 4.16
CA VAL D 120 25.17 -14.28 4.09
C VAL D 120 26.04 -13.17 4.64
N THR D 121 26.85 -13.49 5.65
CA THR D 121 27.78 -12.54 6.24
C THR D 121 29.19 -13.12 6.18
N VAL D 122 30.06 -12.42 5.47
CA VAL D 122 31.46 -12.80 5.29
C VAL D 122 32.30 -11.82 6.08
N SER D 123 32.98 -12.29 7.13
CA SER D 123 33.77 -11.40 7.97
C SER D 123 34.72 -12.20 8.84
N SER D 124 35.84 -11.57 9.20
CA SER D 124 36.80 -12.11 10.15
C SER D 124 36.34 -11.99 11.59
N ALA D 125 35.31 -11.19 11.87
CA ALA D 125 34.93 -10.92 13.25
C ALA D 125 34.27 -12.14 13.87
N SER D 126 34.42 -12.27 15.19
CA SER D 126 33.85 -13.38 15.94
C SER D 126 32.49 -13.00 16.51
N THR D 127 31.59 -13.98 16.54
CA THR D 127 30.27 -13.80 17.16
C THR D 127 30.42 -13.31 18.59
N LYS D 128 29.63 -12.29 18.94
CA LYS D 128 29.73 -11.70 20.27
C LYS D 128 28.48 -10.90 20.62
N GLY D 129 28.02 -11.08 21.85
CA GLY D 129 26.83 -10.41 22.33
C GLY D 129 27.07 -8.95 22.66
N PRO D 130 26.00 -8.16 22.65
CA PRO D 130 26.12 -6.73 22.89
C PRO D 130 26.33 -6.41 24.37
N SER D 131 26.96 -5.26 24.61
CA SER D 131 26.80 -4.53 25.85
C SER D 131 25.70 -3.50 25.67
N VAL D 132 24.84 -3.36 26.67
CA VAL D 132 23.67 -2.49 26.60
C VAL D 132 23.86 -1.37 27.62
N PHE D 133 24.04 -0.15 27.13
CA PHE D 133 24.34 0.94 28.05
C PHE D 133 23.21 1.96 28.09
N PRO D 134 22.93 2.53 29.27
CA PRO D 134 21.86 3.54 29.37
C PRO D 134 22.23 4.80 28.60
N LEU D 135 21.22 5.37 27.94
CA LEU D 135 21.24 6.77 27.55
C LEU D 135 20.19 7.45 28.42
N ALA D 136 20.64 7.98 29.55
CA ALA D 136 19.76 8.43 30.59
C ALA D 136 19.19 9.81 30.25
N PRO D 137 17.94 10.06 30.61
CA PRO D 137 17.36 11.39 30.42
C PRO D 137 17.93 12.40 31.40
N SER D 138 18.25 13.58 30.90
CA SER D 138 18.78 14.65 31.73
C SER D 138 18.09 15.95 31.32
N SER D 139 18.61 17.08 31.81
CA SER D 139 18.11 18.37 31.37
C SER D 139 18.57 18.69 29.95
N LYS D 140 19.77 18.23 29.58
CA LYS D 140 20.23 18.31 28.20
C LYS D 140 19.57 17.27 27.29
N SER D 141 18.60 16.53 27.81
CA SER D 141 17.76 15.65 27.00
C SER D 141 16.28 15.96 27.20
N THR D 142 15.93 17.07 27.85
CA THR D 142 14.56 17.57 27.93
C THR D 142 14.35 18.65 26.88
N SER D 143 13.12 18.72 26.38
CA SER D 143 12.74 19.77 25.43
C SER D 143 11.25 20.04 25.57
N GLY D 144 10.91 21.12 26.28
CA GLY D 144 9.53 21.55 26.46
C GLY D 144 8.61 20.51 27.07
N GLY D 145 8.96 20.02 28.26
CA GLY D 145 8.18 19.00 28.92
C GLY D 145 8.33 17.61 28.34
N THR D 146 9.16 17.43 27.30
CA THR D 146 9.42 16.13 26.69
C THR D 146 10.88 15.77 26.88
N ALA D 147 11.13 14.55 27.33
CA ALA D 147 12.47 14.06 27.55
C ALA D 147 12.76 12.87 26.63
N ALA D 148 14.04 12.69 26.32
CA ALA D 148 14.48 11.55 25.54
C ALA D 148 15.36 10.65 26.40
N LEU D 149 15.25 9.34 26.14
CA LEU D 149 16.06 8.35 26.82
C LEU D 149 16.22 7.17 25.87
N GLY D 150 17.14 6.27 26.19
CA GLY D 150 17.33 5.14 25.32
C GLY D 150 18.38 4.18 25.82
N CYS D 151 18.74 3.25 24.95
CA CYS D 151 19.76 2.26 25.21
C CYS D 151 20.76 2.19 24.06
N LEU D 152 22.03 2.01 24.41
CA LEU D 152 23.11 1.90 23.44
C LEU D 152 23.53 0.44 23.39
N VAL D 153 23.30 -0.19 22.24
CA VAL D 153 23.55 -1.62 22.06
C VAL D 153 24.87 -1.72 21.31
N LYS D 154 25.97 -1.87 22.05
CA LYS D 154 27.31 -1.66 21.52
C LYS D 154 28.10 -2.97 21.40
N ASP D 155 28.84 -3.08 20.30
CA ASP D 155 29.89 -4.09 20.11
C ASP D 155 29.32 -5.50 20.08
N TYR D 156 28.45 -5.75 19.12
CA TYR D 156 27.96 -7.09 18.86
C TYR D 156 28.26 -7.50 17.42
N PHE D 157 28.18 -8.79 17.17
CA PHE D 157 28.39 -9.33 15.83
C PHE D 157 27.88 -10.76 15.76
N PRO D 158 27.24 -11.14 14.64
CA PRO D 158 26.88 -10.24 13.56
C PRO D 158 25.48 -9.65 13.77
N GLU D 159 24.96 -9.02 12.72
CA GLU D 159 23.58 -8.58 12.73
C GLU D 159 22.73 -9.85 12.64
N PRO D 160 21.45 -9.81 13.09
CA PRO D 160 20.65 -8.71 13.65
C PRO D 160 20.56 -8.68 15.19
N VAL D 161 20.19 -7.53 15.75
CA VAL D 161 19.60 -7.42 17.09
C VAL D 161 18.21 -6.84 16.96
N THR D 162 17.33 -7.19 17.90
CA THR D 162 16.00 -6.61 18.00
C THR D 162 15.86 -5.92 19.36
N VAL D 163 15.15 -4.80 19.36
CA VAL D 163 14.96 -4.01 20.58
C VAL D 163 13.47 -3.72 20.74
N SER D 164 12.95 -3.99 21.93
CA SER D 164 11.61 -3.58 22.32
C SER D 164 11.72 -2.68 23.56
N TRP D 165 10.62 -2.02 23.89
CA TRP D 165 10.53 -1.21 25.10
C TRP D 165 9.32 -1.66 25.92
N ASN D 166 9.58 -1.96 27.18
CA ASN D 166 8.55 -2.46 28.08
C ASN D 166 7.88 -3.69 27.49
N SER D 167 8.71 -4.58 26.95
CA SER D 167 8.25 -5.83 26.32
C SER D 167 7.19 -5.56 25.25
N GLY D 168 7.38 -4.48 24.49
CA GLY D 168 6.50 -4.13 23.41
C GLY D 168 5.30 -3.30 23.79
N ALA D 169 5.10 -3.01 25.07
CA ALA D 169 3.99 -2.19 25.53
C ALA D 169 4.22 -0.70 25.28
N LEU D 170 5.43 -0.30 24.87
CA LEU D 170 5.75 1.10 24.60
C LEU D 170 6.32 1.20 23.19
N THR D 171 5.56 1.82 22.28
CA THR D 171 5.95 1.84 20.87
C THR D 171 5.90 3.23 20.23
N SER D 172 4.99 4.09 20.69
CA SER D 172 4.89 5.42 20.11
C SER D 172 6.05 6.30 20.59
N GLY D 173 6.67 7.00 19.65
CA GLY D 173 7.84 7.80 19.97
C GLY D 173 9.15 7.04 20.01
N VAL D 174 9.12 5.77 19.62
CA VAL D 174 10.32 4.92 19.60
C VAL D 174 11.04 5.11 18.27
N HIS D 175 12.35 5.14 18.35
CA HIS D 175 13.19 5.15 17.20
C HIS D 175 14.32 4.19 17.44
N THR D 176 14.38 3.11 16.70
CA THR D 176 15.49 2.17 16.73
C THR D 176 16.34 2.36 15.47
N PHE D 177 17.59 2.71 15.66
CA PHE D 177 18.39 3.14 14.51
C PHE D 177 19.10 1.98 13.84
N PRO D 178 19.29 2.06 12.53
CA PRO D 178 20.18 1.13 11.84
C PRO D 178 21.55 1.13 12.50
N ALA D 179 22.06 -0.07 12.75
CA ALA D 179 23.38 -0.20 13.36
C ALA D 179 24.44 0.38 12.45
N VAL D 180 25.52 0.85 13.05
CA VAL D 180 26.72 1.21 12.31
C VAL D 180 27.73 0.11 12.54
N LEU D 181 28.60 -0.10 11.56
CA LEU D 181 29.66 -1.09 11.65
C LEU D 181 30.97 -0.37 11.89
N GLN D 182 31.55 -0.59 13.06
CA GLN D 182 32.76 0.07 13.52
C GLN D 182 34.04 -0.51 12.92
N SER D 183 35.14 0.21 13.05
CA SER D 183 36.41 -0.23 12.47
C SER D 183 36.85 -1.56 13.05
N SER D 184 36.41 -1.87 14.27
CA SER D 184 36.69 -3.15 14.90
C SER D 184 36.03 -4.33 14.20
N GLY D 185 35.10 -4.08 13.28
CA GLY D 185 34.32 -5.14 12.68
C GLY D 185 33.05 -5.48 13.42
N LEU D 186 32.82 -4.83 14.55
CA LEU D 186 31.63 -5.00 15.36
C LEU D 186 30.57 -3.96 15.06
N TYR D 187 29.33 -4.27 15.41
CA TYR D 187 28.20 -3.39 15.16
C TYR D 187 27.80 -2.63 16.41
N SER D 188 27.34 -1.41 16.22
CA SER D 188 26.79 -0.61 17.30
C SER D 188 25.46 0.01 16.90
N LEU D 189 24.50 0.01 17.81
CA LEU D 189 23.15 0.47 17.51
C LEU D 189 22.56 1.22 18.69
N SER D 190 21.63 2.13 18.42
CA SER D 190 20.90 2.80 19.49
C SER D 190 19.39 2.80 19.27
N SER D 191 18.64 2.72 20.37
CA SER D 191 17.20 2.83 20.33
C SER D 191 16.76 3.88 21.34
N VAL D 192 15.92 4.81 20.93
CA VAL D 192 15.52 5.90 21.80
C VAL D 192 14.03 6.08 21.83
N VAL D 193 13.55 6.72 22.87
CA VAL D 193 12.12 7.00 22.99
C VAL D 193 11.96 8.36 23.66
N THR D 194 11.03 9.15 23.15
CA THR D 194 10.68 10.43 23.74
C THR D 194 9.44 10.26 24.61
N VAL D 195 9.51 10.73 25.85
CA VAL D 195 8.43 10.56 26.81
C VAL D 195 8.17 11.89 27.49
N PRO D 196 6.99 12.05 28.10
CA PRO D 196 6.74 13.24 28.93
C PRO D 196 7.70 13.29 30.11
N SER D 197 8.32 14.44 30.32
CA SER D 197 9.21 14.60 31.47
C SER D 197 8.47 14.37 32.78
N SER D 198 7.15 14.63 32.81
CA SER D 198 6.36 14.36 33.99
C SER D 198 6.43 12.88 34.40
N SER D 199 6.49 11.98 33.43
CA SER D 199 6.44 10.54 33.68
C SER D 199 7.75 9.98 34.22
N LEU D 200 8.86 10.72 34.14
CA LEU D 200 10.17 10.15 34.35
C LEU D 200 10.39 9.63 35.77
N GLY D 201 9.65 10.14 36.75
CA GLY D 201 9.82 9.71 38.11
C GLY D 201 8.80 8.70 38.58
N THR D 202 7.83 8.34 37.76
CA THR D 202 6.81 7.38 38.13
C THR D 202 6.75 6.15 37.22
N GLN D 203 7.21 6.24 35.99
CA GLN D 203 7.15 5.15 35.03
C GLN D 203 8.52 4.54 34.80
N THR D 204 8.55 3.22 34.70
CA THR D 204 9.74 2.46 34.38
C THR D 204 9.89 2.31 32.87
N TYR D 205 11.12 2.42 32.40
CA TYR D 205 11.43 2.20 30.99
C TYR D 205 12.53 1.15 30.87
N ILE D 206 12.17 0.02 30.23
CA ILE D 206 13.06 -1.13 30.07
C ILE D 206 13.20 -1.37 28.58
N CYS D 207 14.44 -1.41 28.09
CA CYS D 207 14.68 -1.75 26.70
C CYS D 207 15.11 -3.22 26.63
N ASN D 208 14.40 -4.00 25.81
CA ASN D 208 14.63 -5.42 25.74
C ASN D 208 15.47 -5.73 24.53
N VAL D 209 16.63 -6.31 24.75
CA VAL D 209 17.56 -6.54 23.66
C VAL D 209 17.76 -8.03 23.43
N ASN D 210 17.62 -8.43 22.18
CA ASN D 210 17.84 -9.81 21.80
C ASN D 210 18.86 -9.94 20.69
N HIS D 211 19.83 -10.82 20.89
CA HIS D 211 20.88 -11.04 19.88
C HIS D 211 21.07 -12.56 19.78
N LYS D 212 20.23 -13.18 18.96
CA LYS D 212 20.16 -14.62 18.86
C LYS D 212 21.46 -15.27 18.38
N PRO D 213 22.18 -14.66 17.45
CA PRO D 213 23.45 -15.26 17.03
C PRO D 213 24.40 -15.58 18.19
N SER D 214 24.31 -14.85 19.31
CA SER D 214 25.08 -15.17 20.50
C SER D 214 24.21 -15.64 21.65
N ASN D 215 22.89 -15.77 21.42
CA ASN D 215 21.94 -16.09 22.48
C ASN D 215 22.15 -15.18 23.69
N THR D 216 22.12 -13.89 23.43
CA THR D 216 22.24 -12.87 24.45
C THR D 216 20.92 -12.13 24.54
N LYS D 217 20.32 -12.15 25.73
CA LYS D 217 19.15 -11.34 26.04
C LYS D 217 19.46 -10.46 27.23
N VAL D 218 19.16 -9.17 27.10
CA VAL D 218 19.38 -8.21 28.16
C VAL D 218 18.13 -7.35 28.29
N ASP D 219 17.67 -7.17 29.53
CA ASP D 219 16.67 -6.19 29.88
C ASP D 219 17.36 -5.09 30.66
N LYS D 220 17.26 -3.85 30.17
CA LYS D 220 18.03 -2.73 30.67
C LYS D 220 17.10 -1.63 31.17
N LYS D 221 17.10 -1.41 32.48
CA LYS D 221 16.36 -0.29 33.05
C LYS D 221 17.14 1.00 32.87
N VAL D 222 16.48 2.02 32.33
CA VAL D 222 17.09 3.31 32.08
C VAL D 222 16.44 4.31 33.01
N GLU D 223 17.25 4.91 33.88
CA GLU D 223 16.75 5.84 34.87
C GLU D 223 17.39 7.20 34.65
N PRO D 224 16.71 8.25 35.09
CA PRO D 224 17.34 9.56 35.16
C PRO D 224 18.50 9.44 36.12
N LYS D 225 19.56 10.19 35.90
CA LYS D 225 20.75 10.07 36.72
C LYS D 225 20.72 11.05 37.89
N GLN E 1 27.38 -7.23 -19.40
CA GLN E 1 25.93 -7.10 -19.37
C GLN E 1 25.52 -5.67 -19.75
N ILE E 2 24.22 -5.40 -19.69
CA ILE E 2 23.65 -4.10 -20.03
C ILE E 2 23.47 -3.31 -18.74
N VAL E 3 23.82 -2.03 -18.76
CA VAL E 3 23.81 -1.19 -17.56
C VAL E 3 22.59 -0.29 -17.56
N LEU E 4 21.90 -0.24 -16.43
CA LEU E 4 20.67 0.53 -16.25
C LEU E 4 20.94 1.69 -15.32
N THR E 5 20.74 2.91 -15.80
CA THR E 5 20.90 4.12 -15.00
C THR E 5 19.54 4.77 -14.77
N GLN E 6 19.18 4.99 -13.52
CA GLN E 6 17.89 5.54 -13.14
C GLN E 6 18.07 6.97 -12.67
N SER E 7 17.07 7.81 -12.94
CA SER E 7 17.04 9.15 -12.38
C SER E 7 15.61 9.56 -12.14
N PRO E 8 15.39 10.43 -11.17
CA PRO E 8 16.44 10.94 -10.28
C PRO E 8 16.80 9.93 -9.21
N ALA E 9 17.89 10.19 -8.47
CA ALA E 9 18.25 9.32 -7.36
C ALA E 9 17.17 9.32 -6.29
N THR E 10 16.72 10.51 -5.88
CA THR E 10 15.64 10.65 -4.91
C THR E 10 14.60 11.61 -5.45
N LEU E 11 13.33 11.26 -5.25
CA LEU E 11 12.19 12.04 -5.71
C LEU E 11 11.30 12.39 -4.51
N SER E 12 11.20 13.69 -4.21
CA SER E 12 10.39 14.19 -3.11
C SER E 12 9.11 14.80 -3.68
N LEU E 13 7.97 14.19 -3.37
CA LEU E 13 6.68 14.72 -3.80
C LEU E 13 5.65 14.42 -2.73
N SER E 14 4.56 15.15 -2.78
CA SER E 14 3.39 14.99 -1.93
C SER E 14 2.42 13.99 -2.53
N PRO E 15 1.64 13.29 -1.71
CA PRO E 15 0.55 12.48 -2.25
C PRO E 15 -0.40 13.35 -3.06
N GLY E 16 -0.92 12.79 -4.15
CA GLY E 16 -1.78 13.50 -5.06
C GLY E 16 -1.07 14.08 -6.27
N GLU E 17 0.25 14.24 -6.20
CA GLU E 17 1.00 14.72 -7.33
C GLU E 17 1.48 13.54 -8.18
N ARG E 18 2.07 13.88 -9.31
CA ARG E 18 2.43 12.91 -10.32
C ARG E 18 3.94 12.68 -10.36
N ALA E 19 4.33 11.41 -10.47
CA ALA E 19 5.72 11.00 -10.42
C ALA E 19 6.17 10.44 -11.77
N THR E 20 7.37 10.82 -12.18
CA THR E 20 7.98 10.35 -13.42
C THR E 20 9.40 9.90 -13.11
N LEU E 21 9.67 8.62 -13.35
CA LEU E 21 10.98 8.03 -13.10
C LEU E 21 11.59 7.53 -14.39
N SER E 22 12.90 7.71 -14.55
CA SER E 22 13.59 7.39 -15.79
C SER E 22 14.51 6.20 -15.58
N CYS E 23 14.72 5.45 -16.67
CA CYS E 23 15.59 4.28 -16.70
C CYS E 23 16.29 4.33 -18.05
N ARG E 24 17.59 4.56 -18.10
CA ARG E 24 18.24 4.38 -19.37
C ARG E 24 19.16 3.23 -19.35
N ALA E 25 19.22 2.63 -20.51
CA ALA E 25 20.02 1.44 -20.71
C ALA E 25 21.24 1.73 -21.59
N SER E 26 22.39 1.21 -21.19
CA SER E 26 23.61 1.46 -21.95
C SER E 26 23.50 1.00 -23.39
N GLN E 27 22.73 -0.05 -23.65
CA GLN E 27 22.43 -0.50 -25.00
C GLN E 27 20.97 -0.96 -25.03
N SER E 28 20.50 -1.28 -26.22
CA SER E 28 19.08 -1.57 -26.41
C SER E 28 18.67 -2.82 -25.66
N VAL E 29 17.60 -2.72 -24.87
CA VAL E 29 16.98 -3.85 -24.22
C VAL E 29 15.67 -4.23 -24.91
N SER E 30 15.50 -3.81 -26.16
CA SER E 30 14.26 -3.98 -26.91
C SER E 30 13.07 -3.54 -26.06
N ASN E 31 12.18 -4.48 -25.73
CA ASN E 31 11.03 -4.19 -24.89
C ASN E 31 11.04 -4.94 -23.56
N HIS E 32 12.15 -5.63 -23.24
CA HIS E 32 12.18 -6.48 -22.05
C HIS E 32 12.67 -5.67 -20.85
N LEU E 33 11.80 -4.75 -20.44
CA LEU E 33 12.05 -3.95 -19.26
C LEU E 33 10.93 -4.08 -18.24
N ALA E 34 11.32 -4.38 -17.01
CA ALA E 34 10.37 -4.53 -15.91
C ALA E 34 10.60 -3.46 -14.87
N TRP E 35 9.58 -3.23 -14.04
CA TRP E 35 9.64 -2.28 -12.94
C TRP E 35 9.30 -2.99 -11.64
N TYR E 36 10.09 -2.76 -10.62
CA TYR E 36 9.87 -3.35 -9.31
C TYR E 36 9.76 -2.26 -8.25
N GLN E 37 8.95 -2.55 -7.24
CA GLN E 37 8.79 -1.71 -6.07
C GLN E 37 9.31 -2.45 -4.86
N GLN E 38 10.04 -1.75 -3.99
CA GLN E 38 10.52 -2.36 -2.76
C GLN E 38 10.35 -1.39 -1.61
N LYS E 39 9.75 -1.87 -0.52
CA LYS E 39 9.68 -1.16 0.74
C LYS E 39 10.65 -1.79 1.74
N PRO E 40 11.07 -1.05 2.77
CA PRO E 40 12.10 -1.57 3.68
C PRO E 40 11.62 -2.83 4.39
N GLY E 41 12.50 -3.83 4.45
CA GLY E 41 12.21 -5.09 5.09
C GLY E 41 11.35 -6.05 4.29
N GLN E 42 11.16 -5.80 3.00
CA GLN E 42 10.31 -6.64 2.17
C GLN E 42 11.00 -7.01 0.87
N ALA E 43 10.62 -8.15 0.30
CA ALA E 43 11.08 -8.51 -1.01
C ALA E 43 10.51 -7.55 -2.04
N PRO E 44 11.18 -7.41 -3.19
CA PRO E 44 10.63 -6.56 -4.25
C PRO E 44 9.31 -7.13 -4.77
N ARG E 45 8.53 -6.25 -5.41
CA ARG E 45 7.25 -6.60 -6.00
C ARG E 45 7.19 -6.08 -7.42
N LEU E 46 6.78 -6.94 -8.36
CA LEU E 46 6.71 -6.54 -9.76
C LEU E 46 5.49 -5.68 -10.00
N LEU E 47 5.69 -4.54 -10.66
CA LEU E 47 4.62 -3.64 -11.04
C LEU E 47 4.35 -3.67 -12.54
N ILE E 48 5.40 -3.56 -13.35
CA ILE E 48 5.29 -3.49 -14.79
C ILE E 48 6.24 -4.53 -15.39
N TYR E 49 5.76 -5.27 -16.37
CA TYR E 49 6.60 -6.17 -17.14
C TYR E 49 6.46 -5.83 -18.62
N GLU E 50 7.50 -6.12 -19.38
CA GLU E 50 7.51 -5.86 -20.81
C GLU E 50 7.16 -4.41 -21.16
N THR E 51 7.76 -3.49 -20.43
CA THR E 51 7.57 -2.06 -20.63
C THR E 51 6.27 -1.40 -20.16
N SER E 52 5.13 -1.87 -20.66
CA SER E 52 3.86 -1.25 -20.29
C SER E 52 2.77 -2.09 -19.62
N ASN E 53 3.04 -3.35 -19.32
CA ASN E 53 2.02 -4.19 -18.75
C ASN E 53 2.02 -4.19 -17.25
N ARG E 54 0.86 -3.95 -16.66
CA ARG E 54 0.75 -3.98 -15.21
C ARG E 54 0.52 -5.39 -14.71
N ALA E 55 1.24 -5.77 -13.65
CA ALA E 55 0.96 -7.02 -12.97
C ALA E 55 -0.40 -6.96 -12.30
N THR E 56 -0.84 -8.10 -11.77
CA THR E 56 -2.17 -8.16 -11.18
C THR E 56 -2.18 -7.49 -9.82
N GLY E 57 -3.25 -6.73 -9.56
CA GLY E 57 -3.39 -5.94 -8.37
C GLY E 57 -2.73 -4.57 -8.42
N ILE E 58 -2.14 -4.18 -9.54
CA ILE E 58 -1.45 -2.90 -9.66
C ILE E 58 -2.46 -1.86 -10.15
N PRO E 59 -2.65 -0.76 -9.42
CA PRO E 59 -3.67 0.21 -9.83
C PRO E 59 -3.32 0.84 -11.15
N PRO E 60 -4.31 1.34 -11.90
CA PRO E 60 -4.03 1.94 -13.21
C PRO E 60 -3.35 3.29 -13.14
N ARG E 61 -3.04 3.81 -11.95
CA ARG E 61 -2.25 5.02 -11.88
C ARG E 61 -0.78 4.77 -12.20
N PHE E 62 -0.33 3.52 -12.17
CA PHE E 62 1.01 3.17 -12.62
C PHE E 62 1.00 2.96 -14.14
N SER E 63 1.94 3.58 -14.83
CA SER E 63 2.00 3.47 -16.28
C SER E 63 3.45 3.39 -16.74
N GLY E 64 3.70 2.56 -17.73
CA GLY E 64 5.04 2.35 -18.24
C GLY E 64 5.11 2.54 -19.74
N SER E 65 6.19 3.17 -20.19
CA SER E 65 6.39 3.47 -21.60
C SER E 65 7.88 3.45 -21.94
N GLY E 66 8.19 3.56 -23.23
CA GLY E 66 9.55 3.62 -23.71
C GLY E 66 9.93 2.46 -24.61
N SER E 67 11.12 2.51 -25.17
CA SER E 67 11.61 1.44 -26.02
C SER E 67 13.11 1.47 -26.00
N GLY E 68 13.74 0.34 -26.32
CA GLY E 68 15.17 0.35 -26.45
C GLY E 68 15.90 0.86 -25.24
N THR E 69 16.59 1.98 -25.43
CA THR E 69 17.34 2.69 -24.40
C THR E 69 16.57 3.41 -23.27
N ASP E 70 15.43 4.02 -23.58
CA ASP E 70 14.75 4.89 -22.63
C ASP E 70 13.37 4.42 -22.18
N PHE E 71 13.16 4.44 -20.87
CA PHE E 71 11.92 3.97 -20.27
C PHE E 71 11.39 4.88 -19.16
N THR E 72 10.09 4.85 -18.96
CA THR E 72 9.43 5.80 -18.08
C THR E 72 8.45 5.03 -17.22
N LEU E 73 8.49 5.29 -15.91
CA LEU E 73 7.45 4.83 -15.01
C LEU E 73 6.70 6.07 -14.54
N THR E 74 5.42 6.11 -14.82
CA THR E 74 4.58 7.26 -14.46
C THR E 74 3.56 6.83 -13.41
N ILE E 75 3.49 7.55 -12.31
CA ILE E 75 2.42 7.39 -11.36
C ILE E 75 1.64 8.68 -11.38
N SER E 76 0.42 8.60 -11.91
CA SER E 76 -0.40 9.78 -12.15
C SER E 76 -0.85 10.53 -10.91
N SER E 77 -1.24 9.80 -9.87
CA SER E 77 -1.60 10.46 -8.64
C SER E 77 -1.02 9.67 -7.48
N LEU E 78 -0.01 10.19 -6.81
CA LEU E 78 0.66 9.45 -5.76
C LEU E 78 -0.26 9.21 -4.56
N GLU E 79 -0.28 7.97 -4.08
CA GLU E 79 -0.86 7.55 -2.83
C GLU E 79 0.25 7.28 -1.82
N PRO E 80 -0.03 7.41 -0.52
CA PRO E 80 1.05 7.20 0.47
C PRO E 80 1.70 5.83 0.37
N GLU E 81 0.96 4.82 -0.09
CA GLU E 81 1.51 3.49 -0.29
C GLU E 81 2.51 3.40 -1.44
N ASP E 82 2.61 4.44 -2.29
CA ASP E 82 3.54 4.38 -3.41
C ASP E 82 4.91 4.95 -3.08
N PHE E 83 5.12 5.45 -1.87
CA PHE E 83 6.42 6.01 -1.51
C PHE E 83 7.32 4.88 -1.05
N ALA E 84 8.38 4.65 -1.83
CA ALA E 84 9.21 3.46 -1.73
C ALA E 84 10.36 3.58 -2.71
N VAL E 85 11.14 2.52 -2.88
CA VAL E 85 12.20 2.49 -3.87
C VAL E 85 11.72 1.72 -5.08
N TYR E 86 12.09 2.18 -6.27
CA TYR E 86 11.69 1.58 -7.52
C TYR E 86 12.92 1.22 -8.34
N TYR E 87 12.94 0.00 -8.87
CA TYR E 87 14.03 -0.46 -9.73
C TYR E 87 13.47 -0.87 -11.08
N CYS E 88 14.14 -0.45 -12.14
CA CYS E 88 13.91 -1.05 -13.44
C CYS E 88 14.82 -2.27 -13.60
N GLN E 89 14.48 -3.13 -14.53
CA GLN E 89 15.23 -4.33 -14.76
C GLN E 89 15.10 -4.83 -16.19
N GLN E 90 16.22 -5.06 -16.86
CA GLN E 90 16.23 -5.53 -18.23
C GLN E 90 16.39 -7.05 -18.27
N ARG E 91 15.77 -7.67 -19.28
CA ARG E 91 15.86 -9.10 -19.52
C ARG E 91 16.18 -9.40 -20.97
N ASN E 92 16.93 -8.51 -21.63
CA ASN E 92 17.26 -8.73 -23.02
C ASN E 92 18.65 -9.34 -23.19
N ASN E 93 19.53 -9.20 -22.20
CA ASN E 93 20.83 -9.85 -22.19
C ASN E 93 21.14 -10.21 -20.75
N TRP E 94 20.77 -11.43 -20.37
CA TRP E 94 20.73 -11.85 -18.96
C TRP E 94 19.79 -10.91 -18.18
N TYR E 95 20.15 -10.56 -16.95
CA TYR E 95 19.28 -9.80 -16.08
C TYR E 95 20.15 -8.80 -15.32
N THR E 96 19.75 -7.52 -15.34
CA THR E 96 20.42 -6.48 -14.55
C THR E 96 19.38 -5.50 -14.03
N PHE E 97 19.64 -4.97 -12.84
CA PHE E 97 18.80 -3.93 -12.24
C PHE E 97 19.43 -2.55 -12.36
N GLY E 98 18.58 -1.53 -12.41
CA GLY E 98 19.02 -0.17 -12.18
C GLY E 98 19.37 0.05 -10.71
N GLN E 99 20.04 1.17 -10.44
CA GLN E 99 20.47 1.41 -9.07
C GLN E 99 19.34 1.87 -8.16
N GLY E 100 18.21 2.24 -8.71
CA GLY E 100 17.04 2.49 -7.88
C GLY E 100 16.74 3.97 -7.76
N THR E 101 15.46 4.30 -7.70
CA THR E 101 14.99 5.65 -7.42
C THR E 101 14.18 5.58 -6.13
N LYS E 102 14.52 6.43 -5.17
CA LYS E 102 13.79 6.50 -3.91
C LYS E 102 12.76 7.62 -4.02
N LEU E 103 11.49 7.26 -3.83
CA LEU E 103 10.39 8.21 -3.92
C LEU E 103 9.95 8.53 -2.51
N GLU E 104 10.17 9.78 -2.10
CA GLU E 104 10.08 10.21 -0.72
C GLU E 104 8.98 11.24 -0.55
N ILE E 105 8.36 11.26 0.63
CA ILE E 105 7.28 12.19 0.95
C ILE E 105 7.85 13.58 1.19
N LYS E 106 7.41 14.54 0.39
CA LYS E 106 7.71 15.94 0.68
C LYS E 106 6.69 16.48 1.66
N ARG E 107 7.18 17.21 2.66
CA ARG E 107 6.33 17.85 3.66
C ARG E 107 6.97 19.18 4.02
N THR E 108 6.34 19.91 4.92
CA THR E 108 6.89 21.19 5.35
C THR E 108 8.17 20.97 6.14
N VAL E 109 9.03 21.99 6.12
CA VAL E 109 10.29 21.92 6.86
C VAL E 109 9.99 21.80 8.35
N ALA E 110 10.74 20.93 9.03
CA ALA E 110 10.60 20.74 10.47
C ALA E 110 11.99 20.65 11.08
N ALA E 111 12.26 21.51 12.06
CA ALA E 111 13.55 21.51 12.72
C ALA E 111 13.69 20.31 13.66
N PRO E 112 14.90 19.81 13.86
CA PRO E 112 15.10 18.71 14.82
C PRO E 112 15.13 19.19 16.26
N SER E 113 14.64 18.33 17.15
CA SER E 113 14.92 18.44 18.57
C SER E 113 16.24 17.71 18.85
N VAL E 114 17.19 18.39 19.48
CA VAL E 114 18.53 17.88 19.67
C VAL E 114 18.74 17.52 21.13
N PHE E 115 19.22 16.30 21.38
CA PHE E 115 19.55 15.83 22.72
C PHE E 115 20.92 15.20 22.70
N ILE E 116 21.67 15.39 23.78
CA ILE E 116 23.00 14.82 23.92
C ILE E 116 23.01 13.93 25.15
N PHE E 117 23.80 12.86 25.08
CA PHE E 117 23.86 11.84 26.13
C PHE E 117 25.31 11.60 26.53
N PRO E 118 25.71 11.92 27.75
CA PRO E 118 27.06 11.58 28.20
C PRO E 118 27.23 10.07 28.25
N PRO E 119 28.47 9.58 28.22
CA PRO E 119 28.70 8.14 28.42
C PRO E 119 28.20 7.70 29.80
N SER E 120 27.80 6.43 29.87
CA SER E 120 27.38 5.84 31.14
C SER E 120 28.58 5.46 31.98
N ASP E 121 28.37 5.44 33.31
CA ASP E 121 29.44 5.01 34.21
C ASP E 121 29.84 3.57 33.95
N GLU E 122 28.88 2.74 33.56
CA GLU E 122 29.15 1.33 33.28
C GLU E 122 30.13 1.17 32.13
N GLN E 123 29.94 1.94 31.08
CA GLN E 123 30.81 1.86 29.93
C GLN E 123 32.18 2.38 30.25
N LEU E 124 32.24 3.50 30.95
CA LEU E 124 33.53 4.10 31.27
C LEU E 124 34.41 3.13 32.03
N LYS E 125 33.84 2.37 32.96
CA LYS E 125 34.65 1.40 33.67
C LYS E 125 35.23 0.35 32.73
N SER E 126 34.59 0.13 31.58
CA SER E 126 35.15 -0.77 30.57
C SER E 126 36.26 -0.12 29.76
N GLY E 127 36.55 1.16 29.97
CA GLY E 127 37.65 1.83 29.32
C GLY E 127 37.29 2.66 28.10
N THR E 128 36.01 2.75 27.75
CA THR E 128 35.56 3.43 26.55
C THR E 128 34.47 4.43 26.89
N ALA E 129 34.43 5.53 26.14
CA ALA E 129 33.41 6.56 26.31
C ALA E 129 32.69 6.78 24.99
N SER E 130 31.38 6.61 25.00
CA SER E 130 30.53 6.85 23.83
C SER E 130 29.60 8.00 24.15
N VAL E 131 29.70 9.09 23.38
CA VAL E 131 28.82 10.24 23.52
C VAL E 131 27.83 10.22 22.36
N VAL E 132 26.54 10.40 22.67
CA VAL E 132 25.46 10.20 21.72
C VAL E 132 24.70 11.50 21.54
N CYS E 133 24.51 11.89 20.28
CA CYS E 133 23.68 13.03 19.94
C CYS E 133 22.47 12.57 19.14
N LEU E 134 21.29 12.98 19.59
CA LEU E 134 20.03 12.56 18.99
C LEU E 134 19.39 13.75 18.30
N LEU E 135 19.06 13.56 17.01
CA LEU E 135 18.33 14.54 16.22
C LEU E 135 16.96 13.93 15.92
N ASN E 136 15.92 14.50 16.50
CA ASN E 136 14.62 13.86 16.51
C ASN E 136 13.58 14.52 15.63
N ASN E 137 12.97 13.72 14.75
CA ASN E 137 11.84 14.15 13.94
C ASN E 137 11.95 15.42 13.10
N PHE E 138 12.86 15.42 12.14
CA PHE E 138 13.13 16.61 11.35
C PHE E 138 12.88 16.34 9.87
N TYR E 139 12.71 17.44 9.14
CA TYR E 139 12.60 17.38 7.70
C TYR E 139 13.03 18.74 7.12
N PRO E 140 13.75 18.74 5.97
CA PRO E 140 14.26 17.65 5.12
C PRO E 140 15.27 16.77 5.82
N ARG E 141 15.72 15.74 5.12
CA ARG E 141 16.57 14.72 5.72
C ARG E 141 18.04 15.16 5.79
N GLU E 142 18.43 16.13 4.99
CA GLU E 142 19.77 16.70 5.10
C GLU E 142 19.95 17.37 6.46
N ALA E 143 20.96 16.93 7.19
CA ALA E 143 21.36 17.54 8.44
C ALA E 143 22.84 17.29 8.66
N LYS E 144 23.48 18.21 9.38
CA LYS E 144 24.90 18.09 9.68
C LYS E 144 25.09 18.09 11.18
N VAL E 145 25.87 17.14 11.67
CA VAL E 145 26.25 17.08 13.07
C VAL E 145 27.75 17.33 13.15
N GLN E 146 28.14 18.20 14.07
CA GLN E 146 29.55 18.44 14.34
C GLN E 146 29.80 18.23 15.81
N TRP E 147 30.75 17.34 16.13
CA TRP E 147 31.15 17.10 17.51
C TRP E 147 32.28 18.04 17.89
N LYS E 148 32.18 18.60 19.09
CA LYS E 148 33.18 19.51 19.61
C LYS E 148 33.55 19.09 21.01
N VAL E 149 34.85 18.89 21.24
CA VAL E 149 35.40 18.56 22.54
C VAL E 149 36.32 19.70 22.95
N ASP E 150 35.92 20.44 23.98
CA ASP E 150 36.51 21.73 24.33
C ASP E 150 36.81 22.58 23.09
N ASN E 151 35.78 22.77 22.28
CA ASN E 151 35.81 23.63 21.10
C ASN E 151 36.73 23.11 20.01
N ALA E 152 37.14 21.84 20.08
CA ALA E 152 37.90 21.21 19.01
C ALA E 152 36.95 20.34 18.18
N LEU E 153 36.94 20.58 16.88
CA LEU E 153 36.09 19.79 15.98
C LEU E 153 36.63 18.37 15.85
N GLN E 154 35.74 17.39 16.07
CA GLN E 154 36.08 15.98 15.96
C GLN E 154 35.79 15.48 14.55
N SER E 155 36.77 14.81 13.95
CA SER E 155 36.61 14.23 12.61
C SER E 155 37.21 12.83 12.56
N GLY E 156 36.48 11.90 11.95
CA GLY E 156 36.94 10.55 11.80
C GLY E 156 36.75 9.66 13.01
N ASN E 157 36.19 10.16 14.10
CA ASN E 157 35.95 9.34 15.29
C ASN E 157 34.47 9.31 15.68
N SER E 158 33.57 9.49 14.71
CA SER E 158 32.15 9.40 14.95
C SER E 158 31.46 8.70 13.79
N GLN E 159 30.29 8.16 14.06
CA GLN E 159 29.43 7.52 13.07
C GLN E 159 27.97 7.87 13.33
N GLU E 160 27.16 7.94 12.29
CA GLU E 160 25.75 8.29 12.42
C GLU E 160 24.91 7.35 11.57
N SER E 161 23.63 7.26 11.92
CA SER E 161 22.65 6.55 11.09
C SER E 161 21.34 7.30 11.16
N VAL E 162 20.47 7.04 10.17
CA VAL E 162 19.25 7.79 9.97
C VAL E 162 18.08 6.83 9.81
N THR E 163 16.99 7.10 10.53
CA THR E 163 15.79 6.27 10.39
C THR E 163 15.14 6.44 9.02
N GLU E 164 14.28 5.49 8.69
CA GLU E 164 13.39 5.66 7.55
C GLU E 164 12.39 6.78 7.83
N GLN E 165 11.79 7.28 6.75
CA GLN E 165 10.78 8.32 6.89
C GLN E 165 9.64 7.80 7.76
N ASP E 166 9.32 8.55 8.82
CA ASP E 166 8.38 8.05 9.82
C ASP E 166 6.98 7.97 9.22
N SER E 167 6.29 6.87 9.47
CA SER E 167 5.02 6.66 8.79
C SER E 167 3.94 7.64 9.24
N LYS E 168 4.13 8.37 10.34
CA LYS E 168 3.09 9.25 10.83
C LYS E 168 3.33 10.72 10.47
N ASP E 169 4.52 11.25 10.73
CA ASP E 169 4.80 12.65 10.45
C ASP E 169 5.78 12.87 9.30
N SER E 170 6.23 11.79 8.65
CA SER E 170 7.12 11.85 7.49
C SER E 170 8.42 12.61 7.80
N THR E 171 8.89 12.56 9.04
CA THR E 171 10.17 13.14 9.40
C THR E 171 11.23 12.04 9.44
N TYR E 172 12.48 12.48 9.62
CA TYR E 172 13.61 11.59 9.82
C TYR E 172 14.20 11.82 11.21
N SER E 173 14.95 10.85 11.68
CA SER E 173 15.68 10.98 12.92
C SER E 173 17.11 10.50 12.70
N LEU E 174 18.04 11.09 13.43
CA LEU E 174 19.45 10.80 13.26
C LEU E 174 20.10 10.57 14.62
N SER E 175 20.93 9.54 14.69
CA SER E 175 21.71 9.21 15.87
C SER E 175 23.17 9.26 15.48
N SER E 176 23.97 10.01 16.24
CA SER E 176 25.40 10.11 16.02
C SER E 176 26.13 9.77 17.31
N THR E 177 27.16 8.94 17.22
CA THR E 177 27.92 8.52 18.39
C THR E 177 29.38 8.92 18.22
N LEU E 178 29.90 9.64 19.21
CA LEU E 178 31.31 9.99 19.29
C LEU E 178 31.98 9.05 20.27
N THR E 179 33.04 8.39 19.82
CA THR E 179 33.70 7.37 20.65
C THR E 179 35.10 7.85 21.00
N LEU E 180 35.45 7.76 22.29
CA LEU E 180 36.78 8.05 22.78
C LEU E 180 37.17 7.00 23.79
N SER E 181 38.48 6.86 23.98
CA SER E 181 38.96 6.08 25.13
C SER E 181 38.58 6.81 26.40
N LYS E 182 38.41 6.03 27.48
CA LYS E 182 38.15 6.66 28.77
C LYS E 182 39.23 7.66 29.13
N ALA E 183 40.49 7.30 28.91
CA ALA E 183 41.60 8.21 29.22
C ALA E 183 41.42 9.54 28.50
N ASP E 184 41.19 9.49 27.18
CA ASP E 184 40.99 10.72 26.43
C ASP E 184 39.76 11.48 26.91
N TYR E 185 38.71 10.76 27.30
CA TYR E 185 37.46 11.43 27.66
C TYR E 185 37.64 12.26 28.93
N GLU E 186 38.38 11.72 29.90
CA GLU E 186 38.61 12.43 31.15
C GLU E 186 39.64 13.54 31.04
N LYS E 187 40.27 13.72 29.88
CA LYS E 187 41.22 14.81 29.67
C LYS E 187 40.55 16.09 29.19
N HIS E 188 39.23 16.09 29.02
CA HIS E 188 38.52 17.27 28.53
C HIS E 188 37.24 17.48 29.32
N LYS E 189 36.63 18.64 29.12
CA LYS E 189 35.49 19.06 29.92
C LYS E 189 34.21 19.24 29.11
N VAL E 190 34.23 20.07 28.06
CA VAL E 190 33.02 20.45 27.33
C VAL E 190 32.83 19.50 26.15
N TYR E 191 31.70 18.80 26.13
CA TYR E 191 31.36 17.91 25.02
C TYR E 191 30.10 18.45 24.35
N ALA E 192 30.21 18.77 23.06
CA ALA E 192 29.17 19.53 22.39
C ALA E 192 28.80 18.86 21.07
N CYS E 193 27.50 18.78 20.82
CA CYS E 193 26.96 18.36 19.54
C CYS E 193 26.32 19.59 18.89
N GLU E 194 26.82 19.99 17.72
CA GLU E 194 26.29 21.16 17.04
C GLU E 194 25.60 20.73 15.75
N VAL E 195 24.37 21.22 15.57
CA VAL E 195 23.48 20.76 14.52
C VAL E 195 23.13 21.93 13.63
N THR E 196 23.32 21.76 12.33
CA THR E 196 22.85 22.72 11.33
C THR E 196 21.79 22.02 10.50
N HIS E 197 20.68 22.72 10.26
CA HIS E 197 19.56 22.18 9.53
C HIS E 197 18.78 23.34 8.93
N GLN E 198 18.04 23.06 7.86
CA GLN E 198 17.35 24.13 7.16
C GLN E 198 16.26 24.75 8.02
N GLY E 199 15.67 23.97 8.92
CA GLY E 199 14.66 24.52 9.80
C GLY E 199 15.17 25.33 10.97
N LEU E 200 16.49 25.50 11.08
CA LEU E 200 17.09 26.25 12.17
C LEU E 200 17.70 27.53 11.61
N SER E 201 17.28 28.67 12.16
CA SER E 201 17.87 29.94 11.73
C SER E 201 19.37 29.96 12.01
N SER E 202 19.81 29.26 13.05
CA SER E 202 21.20 29.26 13.45
C SER E 202 21.57 27.88 13.99
N PRO E 203 22.82 27.46 13.81
CA PRO E 203 23.28 26.19 14.40
C PRO E 203 22.90 26.06 15.87
N VAL E 204 22.29 24.92 16.19
CA VAL E 204 21.89 24.58 17.56
C VAL E 204 22.98 23.73 18.20
N THR E 205 23.31 24.04 19.45
CA THR E 205 24.35 23.35 20.19
C THR E 205 23.79 22.79 21.48
N LYS E 206 23.93 21.47 21.66
CA LYS E 206 23.68 20.82 22.95
C LYS E 206 25.01 20.31 23.49
N SER E 207 25.27 20.59 24.76
CA SER E 207 26.58 20.33 25.33
C SER E 207 26.45 19.99 26.80
N PHE E 208 27.47 19.33 27.33
CA PHE E 208 27.58 19.11 28.76
C PHE E 208 29.04 19.23 29.18
N ASN E 209 29.24 19.47 30.47
CA ASN E 209 30.56 19.41 31.08
C ASN E 209 30.64 18.14 31.91
N ARG E 210 31.70 17.35 31.66
CA ARG E 210 31.81 16.03 32.26
C ARG E 210 31.84 16.06 33.79
N GLY E 211 31.91 17.24 34.40
CA GLY E 211 31.86 17.36 35.85
C GLY E 211 30.70 18.21 36.34
N ASN F 3 27.47 -18.84 -21.52
CA ASN F 3 26.35 -19.21 -22.39
C ASN F 3 25.75 -18.00 -23.08
N ASP F 4 25.40 -18.16 -24.36
CA ASP F 4 24.67 -17.11 -25.06
C ASP F 4 23.29 -17.02 -24.45
N PHE F 5 22.80 -15.79 -24.26
CA PHE F 5 21.49 -15.60 -23.67
C PHE F 5 20.42 -15.40 -24.73
N HIS F 6 19.32 -16.13 -24.59
CA HIS F 6 18.16 -15.91 -25.44
C HIS F 6 16.96 -15.68 -24.56
N PHE F 7 16.16 -14.66 -24.89
CA PHE F 7 15.10 -14.24 -23.99
C PHE F 7 14.04 -15.32 -23.83
N GLU F 8 13.78 -16.08 -24.89
CA GLU F 8 12.70 -17.05 -24.87
C GLU F 8 13.10 -18.38 -24.24
N VAL F 9 14.39 -18.63 -24.05
CA VAL F 9 14.81 -19.78 -23.24
C VAL F 9 14.44 -19.55 -21.79
N PHE F 10 14.47 -18.29 -21.34
CA PHE F 10 14.15 -17.96 -19.96
C PHE F 10 12.73 -17.48 -19.76
N ASN F 11 12.02 -17.11 -20.83
CA ASN F 11 10.65 -16.62 -20.72
C ASN F 11 9.78 -17.30 -21.78
N PHE F 12 9.02 -18.31 -21.36
CA PHE F 12 8.07 -18.99 -22.21
C PHE F 12 6.82 -19.26 -21.39
N VAL F 13 5.77 -19.71 -22.06
CA VAL F 13 4.49 -20.00 -21.43
C VAL F 13 4.37 -21.51 -21.28
N PRO F 14 4.25 -22.04 -20.08
CA PRO F 14 3.97 -23.48 -19.94
C PRO F 14 2.59 -23.79 -20.51
N CYS F 15 2.51 -24.91 -21.23
CA CYS F 15 1.24 -25.33 -21.81
C CYS F 15 0.21 -25.70 -20.74
N SER F 16 0.65 -26.00 -19.52
CA SER F 16 -0.22 -26.49 -18.47
C SER F 16 -1.12 -25.41 -17.88
N ILE F 17 -0.91 -24.13 -18.21
CA ILE F 17 -1.81 -23.07 -17.79
C ILE F 17 -2.71 -22.60 -18.93
N CYS F 18 -2.66 -23.28 -20.08
CA CYS F 18 -3.43 -22.82 -21.24
C CYS F 18 -4.90 -23.16 -21.12
N SER F 19 -5.22 -24.24 -20.43
CA SER F 19 -6.60 -24.62 -20.31
C SER F 19 -7.16 -24.83 -21.71
N ASN F 20 -8.12 -24.01 -22.07
CA ASN F 20 -8.80 -24.12 -23.36
C ASN F 20 -8.67 -22.84 -24.17
N ASN F 21 -7.56 -22.11 -24.00
CA ASN F 21 -7.39 -20.84 -24.73
C ASN F 21 -6.54 -21.11 -25.95
N PRO F 22 -7.07 -20.94 -27.15
CA PRO F 22 -6.29 -21.27 -28.37
C PRO F 22 -5.02 -20.44 -28.52
N THR F 23 -5.08 -19.13 -28.25
CA THR F 23 -3.89 -18.30 -28.35
C THR F 23 -2.75 -18.86 -27.51
N CYS F 24 -3.06 -19.36 -26.32
CA CYS F 24 -1.99 -19.82 -25.45
C CYS F 24 -1.44 -21.16 -25.91
N TRP F 25 -2.32 -22.06 -26.37
CA TRP F 25 -1.87 -23.33 -26.90
C TRP F 25 -1.03 -23.17 -28.17
N ALA F 26 -1.14 -22.04 -28.86
CA ALA F 26 -0.40 -21.85 -30.10
C ALA F 26 1.06 -21.45 -29.88
N ILE F 27 1.41 -20.96 -28.69
CA ILE F 27 2.77 -20.49 -28.47
C ILE F 27 3.41 -21.16 -27.25
N CYS F 28 2.61 -21.85 -26.45
CA CYS F 28 3.12 -22.48 -25.24
C CYS F 28 4.13 -23.59 -25.56
N LYS F 29 4.82 -24.03 -24.52
CA LYS F 29 5.85 -25.05 -24.61
C LYS F 29 5.56 -26.13 -23.59
N ARG F 30 5.62 -27.37 -24.01
CA ARG F 30 5.27 -28.51 -23.18
C ARG F 30 6.41 -28.98 -22.30
N ILE F 31 6.10 -29.38 -21.08
CA ILE F 31 7.09 -29.85 -20.15
C ILE F 31 6.65 -31.20 -19.67
N PRO F 32 7.52 -32.19 -19.74
CA PRO F 32 7.19 -33.55 -19.30
C PRO F 32 7.83 -33.88 -17.96
#